data_2X2F
#
_entry.id   2X2F
#
_cell.length_a   43.444
_cell.length_b   81.274
_cell.length_c   175.697
_cell.angle_alpha   90.00
_cell.angle_beta   90.00
_cell.angle_gamma   90.00
#
_symmetry.space_group_name_H-M   'P 21 21 21'
#
loop_
_entity.id
_entity.type
_entity.pdbx_description
1 polymer DYNAMIN-1
2 non-polymer "GUANOSINE-5'-DIPHOSPHATE"
3 non-polymer 'TETRAFLUOROALUMINATE ION'
4 non-polymer 'MAGNESIUM ION'
5 non-polymer 'SODIUM ION'
6 water water
#
_entity_poly.entity_id   1
_entity_poly.type   'polypeptide(L)'
_entity_poly.pdbx_seq_one_letter_code
;GPEFS(MSE)EDLIPLVNRLQDAFSAIGQNADLDLPQIAVVGGQSAGKSSVLENFVGRDFLPRGSGIVTRRPLVLQLVNA
TTEYAEFLHCKGKKFTDFEEVRLEIEAETDRVTGTNKGISPVPINLRVYSPHVLNLTLVDLPG(MSE)TKVPVGDQPPDI
EFQIRD(MSE)L(MSE)QFVTKENCLILAVSPANSDLANSDALKVAKEVDPQGQRTIGVITKLDL(MSE)DEGTDARDVL
ENKLLPLRRGYIGVVNRSQKDIDGKKDITAALAAERKFFLSHPSYRHLADR(MSE)GTPYLQKVLNQQLTNHIRDTLPGL
RNKLQSQLLSIEKEVEEYKNFRPDKHGTDSRVDE(MSE)LR(MSE)YHALKEALSIIGNINTTTV
;
_entity_poly.pdbx_strand_id   A,D
#
loop_
_chem_comp.id
_chem_comp.type
_chem_comp.name
_chem_comp.formula
ALF non-polymer 'TETRAFLUOROALUMINATE ION' 'Al F4 -1'
GDP RNA linking GUANOSINE-5'-DIPHOSPHATE 'C10 H15 N5 O11 P2'
MG non-polymer 'MAGNESIUM ION' 'Mg 2'
NA non-polymer 'SODIUM ION' 'Na 1'
#
# COMPACT_ATOMS: atom_id res chain seq x y z
N GLU A 3 -14.13 -40.71 -4.37
CA GLU A 3 -15.22 -39.73 -4.36
C GLU A 3 -15.05 -38.80 -3.15
N PHE A 4 -13.81 -38.43 -2.88
CA PHE A 4 -13.49 -37.56 -1.74
C PHE A 4 -14.00 -36.12 -1.91
N SER A 5 -14.52 -35.56 -0.83
CA SER A 5 -15.01 -34.19 -0.86
C SER A 5 -14.94 -33.59 0.55
N MSE A 6 -15.19 -32.30 0.66
CA MSE A 6 -15.16 -31.62 1.95
C MSE A 6 -16.22 -32.20 2.88
O MSE A 6 -16.06 -32.21 4.10
CB MSE A 6 -15.32 -30.11 1.78
CG MSE A 6 -14.19 -29.45 0.98
SE MSE A 6 -12.40 -29.91 1.63
CE MSE A 6 -12.59 -29.44 3.51
N GLU A 7 -17.31 -32.69 2.29
CA GLU A 7 -18.41 -33.31 3.06
C GLU A 7 -17.88 -34.42 3.99
N ASP A 8 -16.95 -35.22 3.50
CA ASP A 8 -16.40 -36.31 4.30
C ASP A 8 -15.70 -35.82 5.58
N LEU A 9 -15.18 -34.61 5.55
CA LEU A 9 -14.49 -34.09 6.71
C LEU A 9 -15.42 -33.37 7.69
N ILE A 10 -16.62 -33.02 7.25
CA ILE A 10 -17.52 -32.30 8.13
C ILE A 10 -17.74 -32.89 9.52
N PRO A 11 -18.03 -34.20 9.62
CA PRO A 11 -18.22 -34.74 10.97
C PRO A 11 -17.04 -34.52 11.92
N LEU A 12 -15.82 -34.56 11.40
CA LEU A 12 -14.66 -34.38 12.28
C LEU A 12 -14.29 -32.92 12.54
N VAL A 13 -14.34 -32.10 11.49
CA VAL A 13 -14.01 -30.69 11.62
C VAL A 13 -14.91 -30.02 12.65
N ASN A 14 -16.22 -30.30 12.55
CA ASN A 14 -17.23 -29.73 13.44
C ASN A 14 -16.92 -29.91 14.93
N ARG A 15 -16.65 -31.15 15.30
CA ARG A 15 -16.36 -31.51 16.70
C ARG A 15 -15.05 -30.90 17.19
N LEU A 16 -14.00 -31.02 16.38
CA LEU A 16 -12.68 -30.51 16.75
C LEU A 16 -12.67 -29.01 16.98
N GLN A 17 -13.40 -28.28 16.15
CA GLN A 17 -13.46 -26.82 16.24
C GLN A 17 -14.11 -26.37 17.55
N ASP A 18 -15.23 -27.01 17.90
CA ASP A 18 -15.89 -26.69 19.14
C ASP A 18 -14.87 -26.87 20.27
N ALA A 19 -14.47 -28.12 20.50
CA ALA A 19 -13.51 -28.44 21.56
C ALA A 19 -12.28 -27.52 21.73
N PHE A 20 -11.50 -27.30 20.67
CA PHE A 20 -10.29 -26.48 20.78
C PHE A 20 -10.45 -24.97 20.84
N SER A 21 -11.19 -24.40 19.90
CA SER A 21 -11.39 -22.96 19.86
C SER A 21 -12.11 -22.46 21.12
N ALA A 22 -12.90 -23.35 21.71
CA ALA A 22 -13.66 -23.02 22.91
C ALA A 22 -12.79 -22.58 24.08
N ILE A 23 -11.57 -23.10 24.14
CA ILE A 23 -10.67 -22.78 25.24
C ILE A 23 -9.46 -21.98 24.79
N GLY A 24 -9.61 -21.24 23.70
CA GLY A 24 -8.53 -20.41 23.21
C GLY A 24 -7.34 -21.12 22.60
N GLN A 25 -7.51 -22.39 22.20
CA GLN A 25 -6.41 -23.12 21.59
C GLN A 25 -6.60 -23.31 20.08
N ASN A 26 -7.48 -22.52 19.48
CA ASN A 26 -7.76 -22.62 18.04
C ASN A 26 -6.49 -22.74 17.20
N ALA A 27 -5.41 -22.09 17.63
CA ALA A 27 -4.14 -22.11 16.93
C ALA A 27 -3.35 -23.43 17.04
N ASP A 28 -3.99 -24.48 17.56
CA ASP A 28 -3.34 -25.78 17.69
C ASP A 28 -3.63 -26.72 16.52
N LEU A 29 -4.86 -26.65 16.02
CA LEU A 29 -5.29 -27.52 14.92
C LEU A 29 -4.86 -27.01 13.56
N ASP A 30 -4.51 -27.96 12.69
CA ASP A 30 -4.12 -27.63 11.32
C ASP A 30 -5.19 -28.21 10.40
N LEU A 31 -6.42 -27.73 10.56
CA LEU A 31 -7.53 -28.20 9.75
C LEU A 31 -7.62 -27.43 8.45
N PRO A 32 -8.24 -28.01 7.42
CA PRO A 32 -8.35 -27.27 6.18
C PRO A 32 -9.22 -26.01 6.35
N GLN A 33 -8.70 -24.88 5.88
CA GLN A 33 -9.44 -23.62 5.95
C GLN A 33 -8.88 -22.67 4.89
N ILE A 34 -9.56 -21.55 4.68
CA ILE A 34 -9.11 -20.57 3.70
C ILE A 34 -9.05 -19.24 4.44
N ALA A 35 -7.86 -18.66 4.52
CA ALA A 35 -7.71 -17.39 5.22
C ALA A 35 -7.45 -16.24 4.24
N VAL A 36 -8.00 -15.08 4.57
CA VAL A 36 -7.88 -13.91 3.73
C VAL A 36 -6.76 -12.98 4.23
N VAL A 37 -5.86 -12.59 3.31
CA VAL A 37 -4.76 -11.72 3.68
C VAL A 37 -4.65 -10.55 2.72
N GLY A 38 -4.39 -9.37 3.27
CA GLY A 38 -4.26 -8.21 2.41
C GLY A 38 -4.21 -6.93 3.21
N GLY A 39 -3.98 -5.83 2.52
CA GLY A 39 -3.94 -4.56 3.21
C GLY A 39 -5.29 -4.16 3.73
N GLN A 40 -5.28 -3.17 4.61
CA GLN A 40 -6.52 -2.67 5.18
C GLN A 40 -7.49 -2.20 4.11
N SER A 41 -8.75 -2.60 4.27
CA SER A 41 -9.82 -2.20 3.37
C SER A 41 -9.66 -2.69 1.94
N ALA A 42 -8.87 -3.74 1.72
CA ALA A 42 -8.70 -4.29 0.38
C ALA A 42 -10.01 -4.91 -0.11
N GLY A 43 -10.94 -5.18 0.81
CA GLY A 43 -12.21 -5.76 0.44
C GLY A 43 -12.32 -7.25 0.79
N LYS A 44 -11.58 -7.65 1.82
CA LYS A 44 -11.56 -9.04 2.28
C LYS A 44 -12.87 -9.54 2.84
N SER A 45 -13.46 -8.81 3.79
CA SER A 45 -14.72 -9.26 4.38
C SER A 45 -15.82 -9.32 3.31
N SER A 46 -15.77 -8.42 2.32
CA SER A 46 -16.77 -8.43 1.24
C SER A 46 -16.70 -9.71 0.43
N VAL A 47 -15.47 -10.19 0.18
CA VAL A 47 -15.24 -11.43 -0.57
C VAL A 47 -15.79 -12.61 0.23
N LEU A 48 -15.45 -12.67 1.53
CA LEU A 48 -15.92 -13.78 2.33
C LEU A 48 -17.44 -13.81 2.50
N GLU A 49 -18.03 -12.63 2.67
CA GLU A 49 -19.47 -12.58 2.87
C GLU A 49 -20.26 -13.24 1.75
N ASN A 50 -19.75 -13.14 0.54
CA ASN A 50 -20.43 -13.72 -0.60
C ASN A 50 -20.61 -15.22 -0.53
N PHE A 51 -19.77 -15.89 0.26
CA PHE A 51 -19.89 -17.34 0.40
C PHE A 51 -21.22 -17.69 1.06
N VAL A 52 -21.74 -16.79 1.89
CA VAL A 52 -23.01 -17.05 2.54
C VAL A 52 -24.19 -16.50 1.76
N GLY A 53 -24.00 -15.42 1.01
CA GLY A 53 -25.11 -14.89 0.23
C GLY A 53 -26.07 -14.02 1.02
N ARG A 54 -25.70 -13.68 2.25
CA ARG A 54 -26.51 -12.83 3.10
C ARG A 54 -25.55 -11.77 3.67
N ASP A 55 -26.10 -10.63 4.08
CA ASP A 55 -25.29 -9.57 4.67
C ASP A 55 -25.14 -9.89 6.15
N PHE A 56 -23.91 -10.12 6.60
CA PHE A 56 -23.66 -10.46 8.00
C PHE A 56 -22.28 -10.11 8.54
N LEU A 57 -21.36 -9.72 7.67
CA LEU A 57 -20.01 -9.36 8.10
C LEU A 57 -19.83 -7.86 8.12
N PRO A 58 -19.30 -7.31 9.25
CA PRO A 58 -19.12 -5.85 9.29
C PRO A 58 -18.11 -5.47 8.20
N ARG A 59 -18.49 -4.50 7.37
CA ARG A 59 -17.64 -4.05 6.26
C ARG A 59 -17.58 -2.52 6.26
N GLY A 60 -16.50 -1.98 5.66
CA GLY A 60 -16.35 -0.55 5.55
C GLY A 60 -14.90 -0.11 5.45
N SER A 61 -14.69 1.12 4.97
CA SER A 61 -13.34 1.68 4.86
C SER A 61 -12.90 2.01 6.29
N GLY A 62 -11.59 2.23 6.49
CA GLY A 62 -11.10 2.45 7.84
C GLY A 62 -11.01 1.06 8.46
N ILE A 63 -10.51 0.96 9.69
CA ILE A 63 -10.38 -0.37 10.28
C ILE A 63 -11.73 -0.87 10.81
N VAL A 64 -12.21 -1.98 10.26
CA VAL A 64 -13.51 -2.57 10.65
C VAL A 64 -13.31 -3.97 11.26
N THR A 65 -12.74 -4.90 10.49
CA THR A 65 -12.46 -6.21 11.06
C THR A 65 -11.26 -5.99 11.99
N ARG A 66 -11.42 -6.36 13.27
CA ARG A 66 -10.35 -6.13 14.24
C ARG A 66 -9.95 -7.36 15.05
N ARG A 67 -10.63 -8.47 14.79
CA ARG A 67 -10.35 -9.77 15.41
C ARG A 67 -10.58 -10.80 14.32
N PRO A 68 -9.88 -11.93 14.39
CA PRO A 68 -10.06 -12.98 13.38
C PRO A 68 -11.46 -13.53 13.54
N LEU A 69 -12.06 -13.97 12.45
CA LEU A 69 -13.37 -14.57 12.53
C LEU A 69 -13.26 -15.92 11.84
N VAL A 70 -13.40 -17.00 12.62
CA VAL A 70 -13.34 -18.36 12.08
C VAL A 70 -14.78 -18.71 11.73
N LEU A 71 -15.07 -18.65 10.43
CA LEU A 71 -16.40 -18.90 9.87
C LEU A 71 -16.55 -20.33 9.33
N GLN A 72 -17.30 -21.16 10.04
CA GLN A 72 -17.53 -22.53 9.63
C GLN A 72 -18.84 -22.62 8.87
N LEU A 73 -18.73 -22.96 7.59
CA LEU A 73 -19.91 -23.09 6.75
C LEU A 73 -20.27 -24.56 6.65
N VAL A 74 -21.53 -24.88 6.94
CA VAL A 74 -21.99 -26.27 6.84
C VAL A 74 -23.28 -26.36 6.02
N ASN A 75 -23.25 -27.13 4.95
CA ASN A 75 -24.45 -27.31 4.14
C ASN A 75 -25.48 -28.12 4.94
N ALA A 76 -26.68 -27.57 5.07
CA ALA A 76 -27.74 -28.21 5.84
C ALA A 76 -29.10 -27.81 5.28
N THR A 77 -30.15 -28.51 5.68
CA THR A 77 -31.49 -28.25 5.18
C THR A 77 -32.04 -26.93 5.71
N THR A 78 -31.72 -26.63 6.96
CA THR A 78 -32.18 -25.40 7.56
C THR A 78 -31.07 -24.35 7.57
N GLU A 79 -31.43 -23.09 7.82
CA GLU A 79 -30.46 -22.01 7.83
C GLU A 79 -30.45 -21.20 9.13
N TYR A 80 -29.33 -21.23 9.83
CA TYR A 80 -29.21 -20.50 11.08
C TYR A 80 -27.75 -20.40 11.47
N ALA A 81 -27.44 -19.49 12.38
CA ALA A 81 -26.06 -19.32 12.78
C ALA A 81 -25.94 -19.42 14.28
N GLU A 82 -24.75 -19.80 14.73
CA GLU A 82 -24.50 -19.95 16.16
C GLU A 82 -23.06 -19.59 16.48
N PHE A 83 -22.88 -18.81 17.54
CA PHE A 83 -21.57 -18.39 17.99
C PHE A 83 -21.09 -19.28 19.12
N LEU A 84 -19.81 -19.65 19.11
CA LEU A 84 -19.26 -20.47 20.17
C LEU A 84 -19.33 -19.75 21.51
N HIS A 85 -19.23 -18.42 21.50
CA HIS A 85 -19.28 -17.66 22.76
C HIS A 85 -20.66 -17.47 23.39
N CYS A 86 -21.71 -17.92 22.71
CA CYS A 86 -23.07 -17.84 23.28
C CYS A 86 -23.86 -19.05 22.81
N LYS A 87 -23.49 -20.21 23.34
CA LYS A 87 -24.14 -21.47 23.01
C LYS A 87 -25.64 -21.45 23.28
N GLY A 88 -26.38 -22.23 22.52
CA GLY A 88 -27.82 -22.28 22.70
C GLY A 88 -28.56 -21.25 21.86
N LYS A 89 -27.95 -20.08 21.66
CA LYS A 89 -28.60 -19.04 20.87
C LYS A 89 -28.43 -19.29 19.38
N LYS A 90 -29.55 -19.38 18.67
CA LYS A 90 -29.52 -19.62 17.23
C LYS A 90 -30.05 -18.38 16.53
N PHE A 91 -29.32 -17.91 15.53
CA PHE A 91 -29.67 -16.72 14.79
C PHE A 91 -30.25 -17.03 13.42
N THR A 92 -31.36 -16.38 13.07
CA THR A 92 -31.93 -16.54 11.73
C THR A 92 -31.84 -15.20 11.02
N ASP A 93 -31.74 -14.13 11.80
CA ASP A 93 -31.63 -12.79 11.23
C ASP A 93 -30.14 -12.48 11.07
N PHE A 94 -29.68 -12.42 9.83
CA PHE A 94 -28.27 -12.14 9.61
C PHE A 94 -27.80 -10.72 9.99
N GLU A 95 -28.72 -9.76 10.11
CA GLU A 95 -28.34 -8.43 10.56
C GLU A 95 -27.95 -8.50 12.05
N GLU A 96 -28.65 -9.36 12.80
CA GLU A 96 -28.37 -9.54 14.21
C GLU A 96 -27.04 -10.27 14.35
N VAL A 97 -26.71 -11.12 13.38
CA VAL A 97 -25.43 -11.82 13.41
C VAL A 97 -24.34 -10.76 13.24
N ARG A 98 -24.57 -9.83 12.32
CA ARG A 98 -23.61 -8.77 12.06
C ARG A 98 -23.38 -7.92 13.32
N LEU A 99 -24.45 -7.56 13.99
CA LEU A 99 -24.37 -6.76 15.20
C LEU A 99 -23.61 -7.48 16.32
N GLU A 100 -23.80 -8.79 16.43
CA GLU A 100 -23.12 -9.59 17.44
C GLU A 100 -21.60 -9.62 17.17
N ILE A 101 -21.19 -9.74 15.90
CA ILE A 101 -19.76 -9.73 15.57
C ILE A 101 -19.19 -8.36 15.97
N GLU A 102 -19.94 -7.31 15.68
CA GLU A 102 -19.51 -5.96 16.02
C GLU A 102 -19.43 -5.79 17.54
N ALA A 103 -20.44 -6.29 18.25
CA ALA A 103 -20.48 -6.16 19.70
C ALA A 103 -19.40 -7.00 20.38
N GLU A 104 -19.21 -8.23 19.91
CA GLU A 104 -18.20 -9.10 20.48
C GLU A 104 -16.79 -8.54 20.20
N THR A 105 -16.63 -7.87 19.06
CA THR A 105 -15.37 -7.26 18.73
C THR A 105 -15.09 -6.08 19.67
N ASP A 106 -16.09 -5.19 19.81
CA ASP A 106 -15.97 -4.02 20.68
C ASP A 106 -15.71 -4.40 22.13
N ARG A 107 -16.30 -5.51 22.55
CA ARG A 107 -16.12 -5.96 23.92
C ARG A 107 -14.63 -6.13 24.23
N VAL A 108 -13.93 -6.79 23.32
CA VAL A 108 -12.51 -7.07 23.48
C VAL A 108 -11.54 -5.98 22.97
N THR A 109 -11.86 -5.36 21.83
CA THR A 109 -10.96 -4.36 21.26
C THR A 109 -11.38 -2.91 21.47
N GLY A 110 -12.55 -2.71 22.09
CA GLY A 110 -13.02 -1.35 22.32
C GLY A 110 -13.48 -0.70 21.02
N THR A 111 -13.61 0.61 21.05
CA THR A 111 -14.05 1.38 19.90
C THR A 111 -13.02 2.48 19.58
N ASN A 112 -11.78 2.27 20.04
CA ASN A 112 -10.71 3.22 19.80
C ASN A 112 -9.68 2.64 18.81
N LYS A 113 -10.19 1.79 17.89
CA LYS A 113 -9.40 1.17 16.82
C LYS A 113 -8.36 0.09 17.10
N GLY A 114 -8.38 -0.49 18.29
CA GLY A 114 -7.43 -1.56 18.57
C GLY A 114 -7.84 -2.91 17.99
N ILE A 115 -6.93 -3.88 18.09
CA ILE A 115 -7.20 -5.22 17.57
C ILE A 115 -6.97 -6.27 18.62
N SER A 116 -7.29 -7.51 18.29
CA SER A 116 -7.06 -8.63 19.19
C SER A 116 -6.93 -9.92 18.38
N PRO A 117 -5.95 -10.77 18.71
CA PRO A 117 -5.80 -12.03 17.98
C PRO A 117 -6.81 -13.10 18.46
N VAL A 118 -7.61 -12.83 19.49
CA VAL A 118 -8.58 -13.83 19.97
C VAL A 118 -9.72 -13.94 18.94
N PRO A 119 -9.89 -15.13 18.34
CA PRO A 119 -10.95 -15.22 17.35
C PRO A 119 -12.37 -15.40 17.83
N ILE A 120 -13.29 -14.97 16.97
CA ILE A 120 -14.70 -15.11 17.22
C ILE A 120 -15.01 -16.33 16.36
N ASN A 121 -15.69 -17.34 16.93
CA ASN A 121 -16.03 -18.54 16.16
C ASN A 121 -17.52 -18.54 15.83
N LEU A 122 -17.83 -18.55 14.55
CA LEU A 122 -19.19 -18.54 14.10
C LEU A 122 -19.43 -19.72 13.16
N ARG A 123 -20.53 -20.43 13.38
CA ARG A 123 -20.90 -21.54 12.51
C ARG A 123 -22.21 -21.19 11.85
N VAL A 124 -22.27 -21.35 10.53
CA VAL A 124 -23.48 -21.04 9.76
C VAL A 124 -23.93 -22.27 8.98
N TYR A 125 -25.17 -22.69 9.21
CA TYR A 125 -25.79 -23.84 8.52
C TYR A 125 -26.68 -23.23 7.47
N SER A 126 -26.58 -23.73 6.23
CA SER A 126 -27.38 -23.19 5.15
C SER A 126 -27.40 -24.17 3.98
N PRO A 127 -28.56 -24.25 3.29
CA PRO A 127 -28.65 -25.16 2.15
C PRO A 127 -27.94 -24.58 0.92
N HIS A 128 -27.48 -23.35 1.03
CA HIS A 128 -26.80 -22.68 -0.09
C HIS A 128 -25.28 -22.62 -0.01
N VAL A 129 -24.70 -22.99 1.12
CA VAL A 129 -23.24 -22.90 1.27
C VAL A 129 -22.45 -24.17 1.00
N LEU A 130 -21.15 -23.98 0.80
CA LEU A 130 -20.22 -25.08 0.59
C LEU A 130 -19.81 -25.50 2.00
N ASN A 131 -19.12 -26.62 2.10
CA ASN A 131 -18.71 -27.12 3.41
C ASN A 131 -17.27 -26.70 3.61
N LEU A 132 -17.07 -25.44 3.97
CA LEU A 132 -15.73 -24.89 4.14
C LEU A 132 -15.62 -24.04 5.39
N THR A 133 -14.39 -23.84 5.84
CA THR A 133 -14.12 -22.96 6.98
C THR A 133 -13.29 -21.81 6.39
N LEU A 134 -13.78 -20.61 6.61
CA LEU A 134 -13.14 -19.42 6.12
C LEU A 134 -12.61 -18.64 7.33
N VAL A 135 -11.54 -17.90 7.14
CA VAL A 135 -11.02 -17.10 8.25
C VAL A 135 -10.91 -15.67 7.80
N ASP A 136 -11.73 -14.80 8.39
CA ASP A 136 -11.66 -13.36 8.07
C ASP A 136 -10.59 -12.77 9.01
N LEU A 137 -9.75 -11.90 8.49
CA LEU A 137 -8.66 -11.31 9.27
C LEU A 137 -8.50 -9.81 9.07
N PRO A 138 -8.01 -9.09 10.10
CA PRO A 138 -7.83 -7.66 9.91
C PRO A 138 -6.77 -7.40 8.82
N GLY A 139 -6.92 -6.31 8.09
CA GLY A 139 -5.96 -5.99 7.05
C GLY A 139 -4.68 -5.33 7.58
N MSE A 140 -3.57 -5.64 6.92
CA MSE A 140 -2.26 -5.11 7.25
C MSE A 140 -2.17 -3.59 7.05
O MSE A 140 -2.75 -3.04 6.11
CB MSE A 140 -1.18 -5.82 6.41
CG MSE A 140 -0.93 -7.23 6.88
SE MSE A 140 0.24 -8.25 5.70
CE MSE A 140 -1.08 -8.78 4.42
N THR A 141 -1.44 -2.93 7.96
CA THR A 141 -1.29 -1.48 7.91
C THR A 141 0.18 -1.08 8.02
N LYS A 142 0.45 0.22 7.84
CA LYS A 142 1.80 0.75 7.90
C LYS A 142 1.99 1.79 9.01
N VAL A 143 0.96 2.58 9.31
CA VAL A 143 1.07 3.59 10.37
C VAL A 143 -0.12 3.52 11.30
N PRO A 144 0.12 3.66 12.60
CA PRO A 144 -0.96 3.62 13.60
C PRO A 144 -1.77 4.90 13.53
N VAL A 145 -3.06 4.81 13.83
CA VAL A 145 -3.90 6.00 13.82
C VAL A 145 -4.70 6.00 15.11
N GLY A 146 -5.29 7.15 15.44
CA GLY A 146 -6.06 7.26 16.66
C GLY A 146 -5.15 6.86 17.81
N ASP A 147 -5.62 5.92 18.61
CA ASP A 147 -4.87 5.44 19.76
C ASP A 147 -4.32 4.03 19.61
N GLN A 148 -4.10 3.59 18.38
CA GLN A 148 -3.55 2.26 18.16
C GLN A 148 -2.12 2.26 18.65
N PRO A 149 -1.60 1.10 19.07
CA PRO A 149 -0.21 1.09 19.53
C PRO A 149 0.74 1.32 18.36
N PRO A 150 1.96 1.80 18.67
CA PRO A 150 3.00 2.09 17.68
C PRO A 150 3.39 0.90 16.80
N ASP A 151 3.31 -0.30 17.33
CA ASP A 151 3.66 -1.51 16.58
C ASP A 151 2.44 -2.27 16.00
N ILE A 152 1.33 -1.57 15.84
CA ILE A 152 0.11 -2.17 15.29
C ILE A 152 0.39 -3.01 14.03
N GLU A 153 1.23 -2.51 13.14
CA GLU A 153 1.55 -3.24 11.92
C GLU A 153 2.03 -4.66 12.23
N PHE A 154 2.90 -4.79 13.22
CA PHE A 154 3.41 -6.12 13.55
C PHE A 154 2.47 -6.99 14.35
N GLN A 155 1.59 -6.37 15.12
CA GLN A 155 0.62 -7.15 15.86
C GLN A 155 -0.34 -7.73 14.80
N ILE A 156 -0.68 -6.94 13.79
CA ILE A 156 -1.59 -7.44 12.75
C ILE A 156 -0.95 -8.56 11.95
N ARG A 157 0.31 -8.39 11.57
CA ARG A 157 1.01 -9.41 10.80
C ARG A 157 1.13 -10.72 11.60
N ASP A 158 1.47 -10.60 12.88
CA ASP A 158 1.65 -11.78 13.72
C ASP A 158 0.37 -12.60 13.75
N MSE A 159 -0.74 -11.91 13.87
CA MSE A 159 -2.06 -12.53 13.92
C MSE A 159 -2.34 -13.33 12.65
O MSE A 159 -2.82 -14.48 12.71
CB MSE A 159 -3.11 -11.41 14.10
CG MSE A 159 -4.53 -11.83 13.95
SE MSE A 159 -5.72 -10.37 14.41
CE MSE A 159 -4.72 -8.89 13.66
N LEU A 160 -2.05 -12.74 11.49
CA LEU A 160 -2.27 -13.41 10.21
C LEU A 160 -1.29 -14.58 10.02
N MSE A 161 -0.03 -14.38 10.41
CA MSE A 161 0.98 -15.43 10.28
C MSE A 161 0.61 -16.72 10.97
O MSE A 161 0.88 -17.80 10.47
CB MSE A 161 2.35 -14.96 10.79
CG MSE A 161 3.00 -13.94 9.88
SE MSE A 161 3.43 -14.64 8.12
CE MSE A 161 5.23 -15.25 8.51
N GLN A 162 -0.03 -16.61 12.13
CA GLN A 162 -0.44 -17.79 12.90
C GLN A 162 -1.40 -18.68 12.09
N PHE A 163 -2.16 -18.10 11.18
CA PHE A 163 -3.08 -18.87 10.35
C PHE A 163 -2.40 -19.38 9.08
N VAL A 164 -1.80 -18.46 8.33
CA VAL A 164 -1.19 -18.77 7.04
C VAL A 164 0.07 -19.60 7.02
N THR A 165 0.71 -19.78 8.17
CA THR A 165 1.90 -20.62 8.19
C THR A 165 1.49 -22.09 8.24
N LYS A 166 0.22 -22.35 8.54
CA LYS A 166 -0.27 -23.73 8.62
C LYS A 166 -0.35 -24.37 7.25
N GLU A 167 0.04 -25.65 7.20
CA GLU A 167 0.06 -26.40 5.97
C GLU A 167 -1.28 -26.54 5.26
N ASN A 168 -2.37 -26.63 6.04
CA ASN A 168 -3.70 -26.81 5.44
C ASN A 168 -4.52 -25.54 5.26
N CYS A 169 -3.84 -24.41 5.30
CA CYS A 169 -4.52 -23.14 5.15
C CYS A 169 -4.28 -22.57 3.76
N LEU A 170 -5.34 -22.49 2.97
CA LEU A 170 -5.25 -21.92 1.63
C LEU A 170 -5.20 -20.41 1.85
N ILE A 171 -4.31 -19.74 1.14
CA ILE A 171 -4.14 -18.31 1.25
C ILE A 171 -4.84 -17.56 0.11
N LEU A 172 -5.83 -16.76 0.49
CA LEU A 172 -6.56 -15.94 -0.46
C LEU A 172 -5.89 -14.57 -0.34
N ALA A 173 -4.96 -14.28 -1.26
CA ALA A 173 -4.20 -13.04 -1.31
C ALA A 173 -5.02 -11.99 -2.04
N VAL A 174 -5.65 -11.13 -1.25
CA VAL A 174 -6.55 -10.10 -1.78
C VAL A 174 -5.81 -8.80 -2.03
N SER A 175 -5.90 -8.29 -3.27
CA SER A 175 -5.25 -7.03 -3.65
C SER A 175 -6.26 -6.16 -4.43
N PRO A 176 -6.34 -4.86 -4.10
CA PRO A 176 -7.28 -3.98 -4.79
C PRO A 176 -6.70 -3.50 -6.12
N ALA A 177 -7.52 -3.59 -7.16
CA ALA A 177 -7.10 -3.19 -8.50
C ALA A 177 -6.61 -1.77 -8.60
N ASN A 178 -7.12 -0.91 -7.73
CA ASN A 178 -6.75 0.49 -7.79
C ASN A 178 -5.41 0.85 -7.13
N SER A 179 -4.55 -0.16 -7.00
CA SER A 179 -3.21 0.05 -6.48
C SER A 179 -2.29 -0.84 -7.30
N ASP A 180 -1.07 -0.40 -7.60
CA ASP A 180 -0.18 -1.29 -8.38
C ASP A 180 0.04 -2.59 -7.63
N LEU A 181 0.05 -3.70 -8.35
CA LEU A 181 0.24 -5.01 -7.73
C LEU A 181 1.58 -5.10 -6.98
N ALA A 182 2.57 -4.37 -7.46
CA ALA A 182 3.89 -4.35 -6.83
C ALA A 182 3.78 -3.87 -5.36
N ASN A 183 2.70 -3.15 -5.07
CA ASN A 183 2.44 -2.60 -3.73
C ASN A 183 1.74 -3.61 -2.78
N SER A 184 1.42 -4.80 -3.27
CA SER A 184 0.66 -5.78 -2.49
C SER A 184 1.26 -6.46 -1.27
N ASP A 185 0.68 -6.13 -0.11
CA ASP A 185 1.07 -6.71 1.18
C ASP A 185 0.68 -8.19 1.17
N ALA A 186 -0.44 -8.50 0.51
CA ALA A 186 -0.92 -9.88 0.46
C ALA A 186 0.10 -10.80 -0.23
N LEU A 187 0.60 -10.38 -1.39
CA LEU A 187 1.56 -11.19 -2.12
C LEU A 187 2.89 -11.31 -1.41
N LYS A 188 3.34 -10.24 -0.75
CA LYS A 188 4.62 -10.31 -0.05
C LYS A 188 4.53 -11.40 1.04
N VAL A 189 3.46 -11.36 1.81
CA VAL A 189 3.18 -12.33 2.85
C VAL A 189 3.08 -13.74 2.25
N ALA A 190 2.24 -13.86 1.21
CA ALA A 190 2.06 -15.15 0.57
C ALA A 190 3.38 -15.78 0.07
N LYS A 191 4.24 -15.00 -0.59
CA LYS A 191 5.51 -15.54 -1.08
C LYS A 191 6.41 -15.98 0.08
N GLU A 192 6.38 -15.23 1.17
CA GLU A 192 7.19 -15.58 2.33
C GLU A 192 6.83 -16.94 2.91
N VAL A 193 5.54 -17.23 3.11
CA VAL A 193 5.14 -18.50 3.69
C VAL A 193 4.86 -19.62 2.70
N ASP A 194 4.61 -19.26 1.45
CA ASP A 194 4.31 -20.25 0.43
C ASP A 194 5.04 -19.83 -0.87
N PRO A 195 6.38 -19.91 -0.87
CA PRO A 195 7.25 -19.54 -2.00
C PRO A 195 6.86 -20.09 -3.36
N GLN A 196 6.47 -21.36 -3.42
CA GLN A 196 6.11 -21.99 -4.69
C GLN A 196 4.67 -21.71 -5.13
N GLY A 197 3.90 -21.06 -4.26
CA GLY A 197 2.53 -20.75 -4.59
C GLY A 197 1.62 -21.96 -4.62
N GLN A 198 2.03 -23.03 -3.92
CA GLN A 198 1.23 -24.25 -3.87
C GLN A 198 -0.19 -24.03 -3.32
N ARG A 199 -0.32 -23.10 -2.38
CA ARG A 199 -1.62 -22.87 -1.74
C ARG A 199 -2.06 -21.40 -1.67
N THR A 200 -1.63 -20.60 -2.65
CA THR A 200 -1.96 -19.19 -2.73
C THR A 200 -2.85 -18.90 -3.95
N ILE A 201 -3.93 -18.16 -3.74
CA ILE A 201 -4.84 -17.79 -4.83
C ILE A 201 -4.97 -16.27 -4.80
N GLY A 202 -4.74 -15.62 -5.93
CA GLY A 202 -4.86 -14.18 -5.97
C GLY A 202 -6.27 -13.73 -6.32
N VAL A 203 -6.75 -12.72 -5.62
CA VAL A 203 -8.06 -12.16 -5.86
C VAL A 203 -7.84 -10.68 -6.01
N ILE A 204 -8.31 -10.13 -7.12
CA ILE A 204 -8.20 -8.70 -7.38
C ILE A 204 -9.61 -8.12 -7.22
N THR A 205 -9.77 -7.26 -6.23
CA THR A 205 -11.05 -6.63 -5.95
C THR A 205 -11.08 -5.21 -6.53
N LYS A 206 -12.20 -4.51 -6.35
CA LYS A 206 -12.29 -3.12 -6.79
C LYS A 206 -11.92 -2.81 -8.24
N LEU A 207 -12.19 -3.73 -9.15
CA LEU A 207 -11.88 -3.49 -10.55
C LEU A 207 -12.69 -2.33 -11.14
N ASP A 208 -13.81 -1.99 -10.52
CA ASP A 208 -14.66 -0.89 -11.00
C ASP A 208 -14.12 0.51 -10.62
N LEU A 209 -13.08 0.54 -9.79
CA LEU A 209 -12.53 1.80 -9.31
C LEU A 209 -11.24 2.20 -9.98
N MSE A 210 -10.80 1.44 -10.96
CA MSE A 210 -9.57 1.79 -11.63
C MSE A 210 -9.66 3.11 -12.37
O MSE A 210 -10.72 3.50 -12.90
CB MSE A 210 -9.12 0.68 -12.58
CG MSE A 210 -8.69 -0.56 -11.84
SE MSE A 210 -7.76 -1.83 -12.99
CE MSE A 210 -5.99 -1.03 -12.95
N ASP A 211 -8.53 3.79 -12.40
CA ASP A 211 -8.38 5.07 -13.08
C ASP A 211 -8.74 4.91 -14.56
N GLU A 212 -9.41 5.90 -15.13
CA GLU A 212 -9.78 5.86 -16.55
C GLU A 212 -8.50 5.71 -17.36
N GLY A 213 -8.56 4.91 -18.41
CA GLY A 213 -7.40 4.71 -19.24
C GLY A 213 -6.46 3.63 -18.78
N THR A 214 -6.82 2.90 -17.71
CA THR A 214 -5.96 1.81 -17.21
C THR A 214 -6.81 0.57 -16.96
N ASP A 215 -6.17 -0.58 -16.87
CA ASP A 215 -6.86 -1.83 -16.56
C ASP A 215 -5.89 -2.78 -15.88
N ALA A 216 -6.40 -3.92 -15.42
CA ALA A 216 -5.56 -4.91 -14.75
C ALA A 216 -5.45 -6.19 -15.60
N ARG A 217 -5.53 -6.04 -16.92
CA ARG A 217 -5.47 -7.22 -17.80
C ARG A 217 -4.18 -8.02 -17.61
N ASP A 218 -3.04 -7.35 -17.63
CA ASP A 218 -1.76 -8.03 -17.43
C ASP A 218 -1.74 -8.84 -16.15
N VAL A 219 -2.35 -8.30 -15.10
CA VAL A 219 -2.42 -8.98 -13.81
C VAL A 219 -3.37 -10.21 -13.90
N LEU A 220 -4.56 -9.98 -14.41
CA LEU A 220 -5.58 -11.02 -14.53
C LEU A 220 -5.22 -12.16 -15.50
N GLU A 221 -4.39 -11.86 -16.51
CA GLU A 221 -3.93 -12.88 -17.46
C GLU A 221 -2.74 -13.65 -16.89
N ASN A 222 -2.36 -13.29 -15.65
CA ASN A 222 -1.28 -13.97 -14.94
C ASN A 222 0.08 -13.71 -15.57
N LYS A 223 0.23 -12.52 -16.16
CA LYS A 223 1.46 -12.14 -16.83
C LYS A 223 2.38 -11.19 -16.06
N LEU A 224 1.81 -10.22 -15.34
CA LEU A 224 2.62 -9.26 -14.59
C LEU A 224 3.43 -9.91 -13.48
N LEU A 225 2.76 -10.63 -12.59
CA LEU A 225 3.41 -11.34 -11.50
C LEU A 225 2.69 -12.70 -11.45
N PRO A 226 3.17 -13.68 -12.23
CA PRO A 226 2.56 -15.01 -12.28
C PRO A 226 2.40 -15.69 -10.92
N LEU A 227 1.25 -16.33 -10.72
CA LEU A 227 0.97 -17.10 -9.51
C LEU A 227 0.65 -18.48 -10.00
N ARG A 228 1.16 -19.49 -9.32
CA ARG A 228 0.91 -20.89 -9.70
C ARG A 228 -0.60 -21.13 -9.87
N ARG A 229 -1.39 -20.59 -8.96
CA ARG A 229 -2.83 -20.76 -9.02
C ARG A 229 -3.62 -19.66 -9.75
N GLY A 230 -2.93 -18.66 -10.29
CA GLY A 230 -3.58 -17.58 -11.02
C GLY A 230 -4.31 -16.55 -10.17
N TYR A 231 -5.03 -15.65 -10.82
CA TYR A 231 -5.79 -14.59 -10.17
C TYR A 231 -7.21 -14.62 -10.72
N ILE A 232 -8.17 -14.22 -9.89
CA ILE A 232 -9.56 -14.14 -10.29
C ILE A 232 -10.03 -12.72 -9.90
N GLY A 233 -10.71 -12.04 -10.80
CA GLY A 233 -11.15 -10.69 -10.48
C GLY A 233 -12.57 -10.65 -9.97
N VAL A 234 -12.87 -9.71 -9.06
CA VAL A 234 -14.23 -9.55 -8.52
C VAL A 234 -14.60 -8.08 -8.37
N VAL A 235 -15.90 -7.83 -8.30
CA VAL A 235 -16.40 -6.48 -8.11
C VAL A 235 -17.52 -6.58 -7.08
N ASN A 236 -17.24 -6.09 -5.88
CA ASN A 236 -18.21 -6.14 -4.81
C ASN A 236 -18.85 -4.79 -4.58
N ARG A 237 -19.76 -4.70 -3.62
CA ARG A 237 -20.46 -3.44 -3.36
C ARG A 237 -19.60 -2.30 -2.82
N SER A 238 -19.86 -1.10 -3.35
CA SER A 238 -19.17 0.11 -2.90
C SER A 238 -19.83 0.51 -1.59
N GLN A 239 -19.29 1.53 -0.93
CA GLN A 239 -19.85 1.98 0.33
C GLN A 239 -21.23 2.57 0.08
N LYS A 240 -21.36 3.30 -1.03
CA LYS A 240 -22.65 3.89 -1.39
C LYS A 240 -23.69 2.77 -1.50
N ASP A 241 -23.31 1.63 -2.11
CA ASP A 241 -24.20 0.47 -2.26
C ASP A 241 -24.64 -0.10 -0.91
N ILE A 242 -23.67 -0.28 -0.01
CA ILE A 242 -23.96 -0.80 1.33
C ILE A 242 -24.96 0.15 2.00
N ASP A 243 -24.65 1.45 1.94
CA ASP A 243 -25.51 2.47 2.55
C ASP A 243 -26.92 2.42 1.95
N GLY A 244 -27.00 2.25 0.63
CA GLY A 244 -28.29 2.20 -0.04
C GLY A 244 -28.96 0.85 -0.01
N LYS A 245 -28.41 -0.07 0.77
CA LYS A 245 -28.94 -1.41 0.91
C LYS A 245 -29.08 -2.22 -0.39
N LYS A 246 -28.11 -2.11 -1.28
CA LYS A 246 -28.15 -2.89 -2.52
C LYS A 246 -27.87 -4.34 -2.06
N ASP A 247 -28.60 -5.31 -2.57
CA ASP A 247 -28.34 -6.67 -2.10
C ASP A 247 -27.32 -7.44 -2.91
N ILE A 248 -26.93 -8.60 -2.39
CA ILE A 248 -25.93 -9.43 -3.03
C ILE A 248 -26.34 -9.91 -4.42
N THR A 249 -27.60 -10.26 -4.61
CA THR A 249 -28.08 -10.71 -5.91
C THR A 249 -27.84 -9.61 -6.95
N ALA A 250 -28.12 -8.36 -6.57
CA ALA A 250 -27.92 -7.24 -7.49
C ALA A 250 -26.43 -6.96 -7.69
N ALA A 251 -25.64 -7.16 -6.64
CA ALA A 251 -24.20 -6.94 -6.77
C ALA A 251 -23.65 -7.97 -7.75
N LEU A 252 -24.06 -9.22 -7.62
CA LEU A 252 -23.57 -10.27 -8.52
C LEU A 252 -23.91 -9.99 -10.00
N ALA A 253 -25.11 -9.46 -10.25
CA ALA A 253 -25.51 -9.17 -11.64
C ALA A 253 -24.65 -8.06 -12.25
N ALA A 254 -24.41 -7.01 -11.46
CA ALA A 254 -23.57 -5.90 -11.88
C ALA A 254 -22.17 -6.43 -12.19
N GLU A 255 -21.68 -7.35 -11.37
CA GLU A 255 -20.33 -7.90 -11.57
C GLU A 255 -20.25 -8.71 -12.89
N ARG A 256 -21.23 -9.57 -13.12
CA ARG A 256 -21.24 -10.36 -14.34
C ARG A 256 -21.26 -9.42 -15.57
N LYS A 257 -22.12 -8.40 -15.54
CA LYS A 257 -22.21 -7.46 -16.64
C LYS A 257 -20.89 -6.70 -16.83
N PHE A 258 -20.25 -6.35 -15.70
CA PHE A 258 -18.99 -5.61 -15.73
C PHE A 258 -17.91 -6.32 -16.56
N PHE A 259 -17.72 -7.61 -16.32
CA PHE A 259 -16.72 -8.38 -17.05
C PHE A 259 -17.08 -8.63 -18.49
N LEU A 260 -18.36 -8.89 -18.75
CA LEU A 260 -18.76 -9.15 -20.12
C LEU A 260 -18.76 -7.92 -20.98
N SER A 261 -18.84 -6.74 -20.38
CA SER A 261 -18.86 -5.51 -21.17
C SER A 261 -17.56 -4.70 -21.16
N HIS A 262 -16.62 -5.08 -20.31
CA HIS A 262 -15.36 -4.36 -20.22
C HIS A 262 -14.49 -4.79 -21.39
N PRO A 263 -14.05 -3.84 -22.23
CA PRO A 263 -13.22 -4.23 -23.37
C PRO A 263 -11.88 -4.91 -23.02
N SER A 264 -11.41 -4.72 -21.80
CA SER A 264 -10.14 -5.32 -21.38
C SER A 264 -10.29 -6.72 -20.83
N TYR A 265 -11.49 -7.08 -20.40
CA TYR A 265 -11.69 -8.36 -19.75
C TYR A 265 -12.71 -9.32 -20.35
N ARG A 266 -13.49 -8.86 -21.32
CA ARG A 266 -14.51 -9.72 -21.92
C ARG A 266 -13.99 -11.11 -22.31
N HIS A 267 -12.76 -11.17 -22.81
CA HIS A 267 -12.20 -12.45 -23.23
C HIS A 267 -11.84 -13.36 -22.07
N LEU A 268 -11.90 -12.84 -20.85
CA LEU A 268 -11.57 -13.60 -19.65
C LEU A 268 -12.78 -13.79 -18.76
N ALA A 269 -13.91 -13.22 -19.17
CA ALA A 269 -15.13 -13.24 -18.37
C ALA A 269 -15.52 -14.57 -17.76
N ASP A 270 -15.33 -15.65 -18.51
CA ASP A 270 -15.65 -16.98 -18.03
C ASP A 270 -14.84 -17.42 -16.80
N ARG A 271 -13.71 -16.77 -16.56
CA ARG A 271 -12.89 -17.11 -15.41
C ARG A 271 -12.78 -15.90 -14.47
N MSE A 272 -13.85 -15.12 -14.40
CA MSE A 272 -13.88 -13.94 -13.54
C MSE A 272 -15.18 -13.95 -12.76
O MSE A 272 -16.15 -14.62 -13.11
CB MSE A 272 -13.82 -12.68 -14.40
CG MSE A 272 -12.55 -12.48 -15.22
SE MSE A 272 -11.05 -11.85 -14.12
CE MSE A 272 -9.72 -13.22 -14.53
N GLY A 273 -15.20 -13.20 -11.65
CA GLY A 273 -16.40 -13.14 -10.88
C GLY A 273 -16.39 -13.96 -9.62
N THR A 274 -17.36 -13.65 -8.77
CA THR A 274 -17.52 -14.27 -7.47
C THR A 274 -17.93 -15.73 -7.55
N PRO A 275 -18.95 -16.05 -8.38
CA PRO A 275 -19.37 -17.45 -8.50
C PRO A 275 -18.15 -18.32 -8.89
N TYR A 276 -17.41 -17.87 -9.89
CA TYR A 276 -16.22 -18.59 -10.34
C TYR A 276 -15.18 -18.72 -9.21
N LEU A 277 -14.91 -17.63 -8.49
CA LEU A 277 -13.94 -17.67 -7.38
C LEU A 277 -14.33 -18.74 -6.33
N GLN A 278 -15.60 -18.77 -5.96
CA GLN A 278 -16.09 -19.72 -4.96
C GLN A 278 -15.96 -21.17 -5.45
N LYS A 279 -16.25 -21.37 -6.73
CA LYS A 279 -16.12 -22.68 -7.37
C LYS A 279 -14.66 -23.14 -7.33
N VAL A 280 -13.77 -22.25 -7.73
CA VAL A 280 -12.34 -22.54 -7.76
C VAL A 280 -11.76 -22.76 -6.37
N LEU A 281 -12.20 -21.97 -5.39
CA LEU A 281 -11.67 -22.12 -4.04
C LEU A 281 -12.03 -23.47 -3.46
N ASN A 282 -13.28 -23.87 -3.66
CA ASN A 282 -13.78 -25.16 -3.18
C ASN A 282 -12.97 -26.30 -3.80
N GLN A 283 -12.75 -26.23 -5.11
CA GLN A 283 -11.98 -27.26 -5.80
C GLN A 283 -10.54 -27.31 -5.32
N GLN A 284 -9.94 -26.14 -5.16
CA GLN A 284 -8.57 -26.05 -4.72
C GLN A 284 -8.40 -26.61 -3.32
N LEU A 285 -9.33 -26.30 -2.42
CA LEU A 285 -9.21 -26.81 -1.07
C LEU A 285 -9.40 -28.32 -1.09
N THR A 286 -10.34 -28.79 -1.91
CA THR A 286 -10.59 -30.23 -2.04
C THR A 286 -9.32 -30.97 -2.53
N ASN A 287 -8.67 -30.41 -3.55
CA ASN A 287 -7.45 -31.01 -4.08
C ASN A 287 -6.35 -30.98 -3.04
N HIS A 288 -6.25 -29.89 -2.30
CA HIS A 288 -5.20 -29.75 -1.31
C HIS A 288 -5.32 -30.78 -0.19
N ILE A 289 -6.51 -30.91 0.38
CA ILE A 289 -6.69 -31.83 1.46
C ILE A 289 -6.68 -33.29 1.00
N ARG A 290 -7.13 -33.53 -0.23
CA ARG A 290 -7.13 -34.89 -0.76
C ARG A 290 -5.68 -35.38 -0.77
N ASP A 291 -4.77 -34.50 -1.18
CA ASP A 291 -3.35 -34.82 -1.23
C ASP A 291 -2.65 -34.80 0.13
N THR A 292 -3.20 -34.07 1.09
CA THR A 292 -2.57 -33.96 2.39
C THR A 292 -3.27 -34.69 3.55
N LEU A 293 -4.22 -35.56 3.21
CA LEU A 293 -4.95 -36.31 4.24
C LEU A 293 -4.05 -37.08 5.20
N PRO A 294 -3.03 -37.79 4.67
CA PRO A 294 -2.15 -38.55 5.57
C PRO A 294 -1.47 -37.59 6.55
N GLY A 295 -1.03 -36.45 6.04
CA GLY A 295 -0.41 -35.45 6.89
C GLY A 295 -1.36 -34.99 7.98
N LEU A 296 -2.63 -34.77 7.64
CA LEU A 296 -3.60 -34.35 8.65
C LEU A 296 -3.77 -35.41 9.74
N ARG A 297 -3.90 -36.66 9.30
CA ARG A 297 -4.05 -37.77 10.23
C ARG A 297 -2.88 -37.79 11.22
N ASN A 298 -1.67 -37.60 10.69
CA ASN A 298 -0.46 -37.62 11.54
C ASN A 298 -0.44 -36.41 12.50
N LYS A 299 -0.97 -35.27 12.07
CA LYS A 299 -0.99 -34.10 12.94
C LYS A 299 -1.97 -34.34 14.09
N LEU A 300 -3.14 -34.91 13.78
CA LEU A 300 -4.13 -35.22 14.81
C LEU A 300 -3.56 -36.27 15.77
N GLN A 301 -2.79 -37.21 15.24
CA GLN A 301 -2.17 -38.24 16.09
C GLN A 301 -1.22 -37.53 17.08
N SER A 302 -0.51 -36.53 16.59
CA SER A 302 0.40 -35.76 17.44
C SER A 302 -0.35 -34.96 18.52
N GLN A 303 -1.46 -34.34 18.14
CA GLN A 303 -2.24 -33.58 19.11
C GLN A 303 -2.84 -34.51 20.16
N LEU A 304 -3.23 -35.72 19.77
CA LEU A 304 -3.79 -36.68 20.72
C LEU A 304 -2.71 -37.06 21.73
N LEU A 305 -1.51 -37.35 21.24
CA LEU A 305 -0.41 -37.70 22.13
C LEU A 305 -0.19 -36.56 23.12
N SER A 306 -0.33 -35.34 22.64
CA SER A 306 -0.15 -34.14 23.44
C SER A 306 -1.27 -33.92 24.49
N ILE A 307 -2.52 -34.13 24.10
CA ILE A 307 -3.63 -33.96 25.03
C ILE A 307 -3.60 -35.01 26.14
N GLU A 308 -3.18 -36.23 25.79
CA GLU A 308 -3.10 -37.30 26.78
C GLU A 308 -2.16 -36.88 27.92
N LYS A 309 -0.94 -36.47 27.56
CA LYS A 309 0.04 -36.04 28.55
C LYS A 309 -0.52 -34.93 29.42
N GLU A 310 -1.31 -34.04 28.83
CA GLU A 310 -1.88 -32.92 29.55
C GLU A 310 -2.97 -33.32 30.54
N VAL A 311 -3.66 -34.43 30.27
CA VAL A 311 -4.72 -34.88 31.15
C VAL A 311 -4.15 -35.28 32.52
N GLU A 312 -3.12 -36.13 32.50
CA GLU A 312 -2.47 -36.59 33.73
C GLU A 312 -1.94 -35.44 34.60
N GLU A 313 -1.60 -34.31 34.00
CA GLU A 313 -1.10 -33.14 34.74
C GLU A 313 -2.20 -32.57 35.65
N TYR A 314 -3.43 -33.01 35.46
CA TYR A 314 -4.54 -32.53 36.28
C TYR A 314 -5.25 -33.69 36.99
N SER A 326 -13.44 -28.68 35.34
CA SER A 326 -13.74 -27.63 34.37
C SER A 326 -12.65 -27.62 33.30
N ARG A 327 -11.40 -27.44 33.72
CA ARG A 327 -10.29 -27.47 32.77
C ARG A 327 -10.17 -28.93 32.33
N VAL A 328 -10.52 -29.83 33.25
CA VAL A 328 -10.51 -31.27 33.00
C VAL A 328 -11.57 -31.58 31.94
N ASP A 329 -12.75 -30.97 32.09
CA ASP A 329 -13.85 -31.19 31.15
C ASP A 329 -13.41 -30.73 29.76
N GLU A 330 -12.82 -29.54 29.69
CA GLU A 330 -12.36 -28.95 28.44
C GLU A 330 -11.36 -29.87 27.74
N MSE A 331 -10.37 -30.35 28.48
CA MSE A 331 -9.37 -31.25 27.92
C MSE A 331 -10.00 -32.55 27.44
O MSE A 331 -9.65 -33.05 26.37
CB MSE A 331 -8.27 -31.56 28.95
CG MSE A 331 -7.39 -30.37 29.35
SE MSE A 331 -6.06 -30.84 30.51
CE MSE A 331 -6.99 -31.59 31.80
N LEU A 332 -10.95 -33.10 28.21
CA LEU A 332 -11.61 -34.36 27.84
C LEU A 332 -12.43 -34.19 26.55
N ARG A 333 -13.05 -33.04 26.39
CA ARG A 333 -13.80 -32.75 25.18
C ARG A 333 -12.85 -32.71 23.98
N MSE A 334 -11.63 -32.18 24.16
CA MSE A 334 -10.64 -32.12 23.07
C MSE A 334 -10.19 -33.54 22.78
O MSE A 334 -9.98 -33.94 21.63
CB MSE A 334 -9.39 -31.29 23.43
CG MSE A 334 -9.57 -29.78 23.58
SE MSE A 334 -7.92 -28.89 23.66
CE MSE A 334 -7.42 -29.22 25.39
N TYR A 335 -9.98 -34.30 23.85
CA TYR A 335 -9.53 -35.68 23.77
C TYR A 335 -10.50 -36.55 22.96
N HIS A 336 -11.78 -36.53 23.32
CA HIS A 336 -12.74 -37.36 22.60
C HIS A 336 -12.93 -36.90 21.16
N ALA A 337 -12.91 -35.58 20.92
CA ALA A 337 -13.07 -35.08 19.55
C ALA A 337 -11.90 -35.56 18.69
N LEU A 338 -10.71 -35.60 19.27
CA LEU A 338 -9.53 -36.06 18.54
C LEU A 338 -9.61 -37.57 18.28
N LYS A 339 -10.05 -38.34 19.28
CA LYS A 339 -10.17 -39.79 19.13
C LYS A 339 -11.16 -40.11 18.00
N GLU A 340 -12.29 -39.40 18.03
CA GLU A 340 -13.32 -39.59 17.02
C GLU A 340 -12.80 -39.14 15.65
N ALA A 341 -12.08 -38.02 15.63
CA ALA A 341 -11.53 -37.51 14.37
C ALA A 341 -10.60 -38.54 13.72
N LEU A 342 -9.76 -39.17 14.54
CA LEU A 342 -8.82 -40.17 14.06
C LEU A 342 -9.56 -41.35 13.47
N SER A 343 -10.62 -41.81 14.15
CA SER A 343 -11.41 -42.92 13.62
C SER A 343 -12.05 -42.53 12.27
N ILE A 344 -12.74 -41.41 12.23
CA ILE A 344 -13.37 -40.95 10.99
C ILE A 344 -12.36 -40.83 9.85
N ILE A 345 -11.27 -40.12 10.08
CA ILE A 345 -10.28 -39.91 9.03
C ILE A 345 -9.64 -41.19 8.53
N GLY A 346 -9.50 -42.17 9.44
CA GLY A 346 -8.93 -43.45 9.06
C GLY A 346 -9.80 -44.19 8.07
N ASN A 347 -11.08 -43.87 8.03
CA ASN A 347 -11.99 -44.53 7.09
C ASN A 347 -12.12 -43.78 5.78
N ILE A 348 -11.58 -42.58 5.70
CA ILE A 348 -11.66 -41.82 4.45
C ILE A 348 -10.60 -42.26 3.45
N ASN A 349 -11.00 -42.45 2.20
CA ASN A 349 -10.07 -42.88 1.16
C ASN A 349 -9.76 -41.73 0.22
N GLU B 3 12.41 40.10 3.94
CA GLU B 3 13.15 40.29 2.70
C GLU B 3 13.80 38.98 2.21
N PHE B 4 14.20 38.10 3.12
CA PHE B 4 14.83 36.83 2.71
C PHE B 4 13.92 35.97 1.84
N SER B 5 14.48 35.46 0.73
CA SER B 5 13.72 34.61 -0.17
C SER B 5 14.66 33.64 -0.88
N MSE B 6 14.08 32.58 -1.47
CA MSE B 6 14.86 31.57 -2.19
C MSE B 6 15.72 32.24 -3.27
O MSE B 6 16.80 31.75 -3.62
CB MSE B 6 13.95 30.53 -2.86
CG MSE B 6 13.14 29.67 -1.91
SE MSE B 6 14.21 28.72 -0.60
CE MSE B 6 15.38 27.72 -1.80
N GLU B 7 15.23 33.36 -3.78
CA GLU B 7 15.96 34.09 -4.81
C GLU B 7 17.37 34.48 -4.35
N ASP B 8 17.51 34.75 -3.05
CA ASP B 8 18.83 35.11 -2.51
C ASP B 8 19.83 33.97 -2.63
N LEU B 9 19.33 32.73 -2.63
CA LEU B 9 20.21 31.58 -2.70
C LEU B 9 20.60 31.13 -4.08
N ILE B 10 19.88 31.60 -5.09
CA ILE B 10 20.19 31.22 -6.47
C ILE B 10 21.65 31.38 -6.91
N PRO B 11 22.30 32.51 -6.59
CA PRO B 11 23.69 32.66 -7.02
C PRO B 11 24.59 31.62 -6.35
N LEU B 12 24.21 31.22 -5.16
CA LEU B 12 24.99 30.26 -4.37
C LEU B 12 24.73 28.79 -4.77
N VAL B 13 23.47 28.37 -4.71
CA VAL B 13 23.11 27.00 -5.04
C VAL B 13 23.60 26.55 -6.41
N ASN B 14 23.48 27.42 -7.41
CA ASN B 14 23.90 27.09 -8.77
C ASN B 14 25.40 26.94 -8.91
N ARG B 15 26.15 27.82 -8.26
CA ARG B 15 27.60 27.77 -8.33
C ARG B 15 28.07 26.45 -7.69
N LEU B 16 27.53 26.13 -6.52
CA LEU B 16 27.89 24.91 -5.81
C LEU B 16 27.55 23.65 -6.58
N GLN B 17 26.29 23.54 -7.02
CA GLN B 17 25.84 22.37 -7.78
C GLN B 17 26.76 22.07 -8.95
N ASP B 18 27.06 23.12 -9.73
CA ASP B 18 27.92 22.98 -10.89
C ASP B 18 29.30 22.45 -10.50
N ALA B 19 29.86 23.00 -9.43
CA ALA B 19 31.17 22.61 -8.95
C ALA B 19 31.26 21.20 -8.34
N PHE B 20 30.20 20.76 -7.67
CA PHE B 20 30.22 19.45 -7.02
C PHE B 20 29.80 18.23 -7.83
N SER B 21 30.75 17.67 -8.57
CA SER B 21 30.54 16.48 -9.40
C SER B 21 31.86 15.96 -9.96
N ALA B 27 26.15 12.30 -0.86
CA ALA B 27 26.52 13.68 -1.13
C ALA B 27 27.00 14.34 0.16
N ASP B 28 27.70 15.46 0.03
CA ASP B 28 28.21 16.19 1.18
C ASP B 28 27.47 17.51 1.33
N LEU B 29 26.86 17.96 0.24
CA LEU B 29 26.12 19.21 0.23
C LEU B 29 24.69 19.02 0.75
N ASP B 30 24.36 19.71 1.83
CA ASP B 30 23.02 19.62 2.38
C ASP B 30 22.27 20.89 1.97
N LEU B 31 22.03 21.03 0.67
CA LEU B 31 21.34 22.22 0.16
C LEU B 31 19.83 22.02 0.22
N PRO B 32 19.07 23.13 0.36
CA PRO B 32 17.61 23.02 0.43
C PRO B 32 16.98 22.36 -0.79
N GLN B 33 16.09 21.40 -0.55
CA GLN B 33 15.40 20.69 -1.63
C GLN B 33 14.10 20.07 -1.12
N ILE B 34 13.23 19.68 -2.05
CA ILE B 34 11.97 19.03 -1.67
C ILE B 34 11.98 17.65 -2.32
N ALA B 35 11.85 16.60 -1.52
CA ALA B 35 11.85 15.23 -2.02
C ALA B 35 10.49 14.56 -1.86
N VAL B 36 10.08 13.78 -2.87
CA VAL B 36 8.80 13.07 -2.81
C VAL B 36 8.99 11.61 -2.35
N VAL B 37 8.14 11.17 -1.43
CA VAL B 37 8.19 9.80 -0.95
C VAL B 37 6.79 9.20 -0.98
N GLY B 38 6.70 7.93 -1.35
CA GLY B 38 5.39 7.31 -1.38
C GLY B 38 5.44 5.99 -2.08
N GLY B 39 4.33 5.26 -2.01
CA GLY B 39 4.25 3.99 -2.66
C GLY B 39 4.29 4.15 -4.18
N GLN B 40 4.54 3.06 -4.87
CA GLN B 40 4.58 3.09 -6.32
C GLN B 40 3.25 3.60 -6.89
N SER B 41 3.38 4.51 -7.86
CA SER B 41 2.24 5.09 -8.55
C SER B 41 1.27 5.88 -7.66
N ALA B 42 1.79 6.43 -6.55
CA ALA B 42 0.97 7.27 -5.67
C ALA B 42 0.62 8.58 -6.38
N GLY B 43 1.44 8.98 -7.36
CA GLY B 43 1.18 10.22 -8.06
C GLY B 43 2.25 11.27 -7.82
N LYS B 44 3.41 10.82 -7.36
CA LYS B 44 4.57 11.68 -7.08
C LYS B 44 5.10 12.52 -8.27
N SER B 45 5.45 11.87 -9.38
CA SER B 45 5.97 12.58 -10.52
C SER B 45 4.91 13.56 -11.03
N SER B 46 3.64 13.16 -10.98
CA SER B 46 2.55 14.03 -11.42
C SER B 46 2.54 15.31 -10.56
N VAL B 47 2.77 15.16 -9.25
CA VAL B 47 2.82 16.35 -8.38
C VAL B 47 3.97 17.28 -8.76
N LEU B 48 5.17 16.71 -8.93
CA LEU B 48 6.35 17.52 -9.26
C LEU B 48 6.27 18.20 -10.61
N GLU B 49 5.62 17.55 -11.55
CA GLU B 49 5.50 18.09 -12.89
C GLU B 49 4.74 19.40 -12.95
N ASN B 50 3.81 19.59 -12.05
CA ASN B 50 3.00 20.80 -12.01
C ASN B 50 3.85 22.00 -11.69
N PHE B 51 5.03 21.77 -11.10
CA PHE B 51 5.91 22.91 -10.82
C PHE B 51 6.43 23.53 -12.10
N VAL B 52 6.41 22.78 -13.20
CA VAL B 52 6.86 23.31 -14.49
C VAL B 52 5.72 23.44 -15.48
N GLY B 53 5.08 22.32 -15.79
CA GLY B 53 3.97 22.33 -16.72
C GLY B 53 4.35 22.15 -18.18
N ARG B 54 5.32 21.28 -18.44
CA ARG B 54 5.80 21.02 -19.80
C ARG B 54 5.92 19.54 -20.16
N ASP B 55 5.12 18.71 -19.50
CA ASP B 55 5.11 17.26 -19.75
C ASP B 55 6.47 16.59 -19.91
N PHE B 56 7.47 17.06 -19.17
CA PHE B 56 8.80 16.51 -19.29
C PHE B 56 9.08 15.29 -18.39
N LEU B 57 8.32 15.13 -17.32
CA LEU B 57 8.54 13.99 -16.42
C LEU B 57 7.74 12.77 -16.83
N PRO B 58 8.40 11.61 -16.94
CA PRO B 58 7.72 10.37 -17.30
C PRO B 58 6.78 9.99 -16.14
N ARG B 59 5.50 9.79 -16.46
CA ARG B 59 4.50 9.42 -15.46
C ARG B 59 3.71 8.24 -15.98
N GLY B 60 3.11 7.47 -15.08
CA GLY B 60 2.30 6.33 -15.48
C GLY B 60 2.15 5.27 -14.41
N SER B 61 1.18 4.38 -14.61
CA SER B 61 0.94 3.29 -13.67
C SER B 61 2.07 2.30 -13.95
N GLY B 62 2.30 1.37 -13.02
CA GLY B 62 3.43 0.48 -13.24
C GLY B 62 4.66 1.28 -12.85
N ILE B 63 5.84 0.64 -12.81
CA ILE B 63 7.02 1.38 -12.38
C ILE B 63 7.54 2.20 -13.54
N VAL B 64 7.64 3.51 -13.32
CA VAL B 64 8.11 4.45 -14.34
C VAL B 64 9.38 5.15 -13.86
N THR B 65 9.29 5.92 -12.77
CA THR B 65 10.47 6.57 -12.24
C THR B 65 11.34 5.46 -11.67
N ARG B 66 12.58 5.39 -12.12
CA ARG B 66 13.47 4.34 -11.65
C ARG B 66 14.83 4.80 -11.15
N ARG B 67 15.09 6.11 -11.27
CA ARG B 67 16.32 6.75 -10.78
C ARG B 67 15.91 8.07 -10.14
N PRO B 68 16.66 8.55 -9.14
CA PRO B 68 16.26 9.82 -8.54
C PRO B 68 16.48 10.90 -9.61
N LEU B 69 15.64 11.93 -9.61
CA LEU B 69 15.84 13.03 -10.54
C LEU B 69 15.98 14.29 -9.70
N VAL B 70 17.18 14.86 -9.67
CA VAL B 70 17.41 16.09 -8.91
C VAL B 70 17.16 17.20 -9.93
N LEU B 71 16.02 17.85 -9.76
CA LEU B 71 15.55 18.90 -10.66
C LEU B 71 15.71 20.31 -10.10
N GLN B 72 16.63 21.11 -10.64
CA GLN B 72 16.86 22.47 -10.18
C GLN B 72 16.03 23.38 -11.07
N LEU B 73 15.10 24.10 -10.48
CA LEU B 73 14.26 25.02 -11.24
C LEU B 73 14.79 26.43 -11.04
N VAL B 74 15.03 27.16 -12.13
CA VAL B 74 15.53 28.52 -12.04
C VAL B 74 14.65 29.47 -12.86
N ASN B 75 14.09 30.49 -12.23
CA ASN B 75 13.29 31.44 -12.98
C ASN B 75 14.20 32.24 -13.93
N ALA B 76 13.80 32.36 -15.20
CA ALA B 76 14.60 33.07 -16.21
C ALA B 76 13.68 33.52 -17.34
N THR B 77 14.19 34.39 -18.19
CA THR B 77 13.43 34.92 -19.32
C THR B 77 13.19 33.85 -20.36
N THR B 78 14.23 33.11 -20.69
CA THR B 78 14.13 32.04 -21.68
C THR B 78 13.85 30.70 -21.02
N GLU B 79 13.19 29.81 -21.76
CA GLU B 79 12.85 28.49 -21.24
C GLU B 79 13.70 27.44 -21.93
N TYR B 80 14.53 26.73 -21.15
CA TYR B 80 15.36 25.66 -21.68
C TYR B 80 15.88 24.81 -20.54
N ALA B 81 16.51 23.68 -20.87
CA ALA B 81 17.01 22.80 -19.81
C ALA B 81 18.35 22.22 -20.14
N GLU B 82 19.09 21.82 -19.11
CA GLU B 82 20.40 21.23 -19.28
C GLU B 82 20.53 20.04 -18.34
N PHE B 83 21.22 19.01 -18.81
CA PHE B 83 21.49 17.81 -18.03
C PHE B 83 22.98 17.88 -17.77
N LEU B 84 23.36 17.68 -16.53
CA LEU B 84 24.77 17.70 -16.14
C LEU B 84 25.56 16.70 -16.97
N HIS B 85 24.91 15.60 -17.37
CA HIS B 85 25.56 14.58 -18.18
C HIS B 85 25.59 14.90 -19.69
N CYS B 86 24.90 15.95 -20.12
CA CYS B 86 24.90 16.34 -21.54
C CYS B 86 25.54 17.73 -21.62
N LYS B 87 26.79 17.83 -21.17
CA LYS B 87 27.48 19.10 -21.15
C LYS B 87 27.53 19.86 -22.47
N GLY B 88 27.08 21.12 -22.42
CA GLY B 88 27.09 21.96 -23.60
C GLY B 88 25.80 21.95 -24.41
N LYS B 89 24.88 21.03 -24.10
CA LYS B 89 23.65 20.98 -24.86
C LYS B 89 22.48 21.59 -24.08
N LYS B 90 21.85 22.57 -24.70
CA LYS B 90 20.70 23.22 -24.09
C LYS B 90 19.48 22.69 -24.82
N PHE B 91 18.54 22.14 -24.07
CA PHE B 91 17.30 21.59 -24.62
C PHE B 91 16.19 22.63 -24.66
N THR B 92 15.61 22.84 -25.84
CA THR B 92 14.49 23.76 -25.99
C THR B 92 13.19 22.99 -26.16
N ASP B 93 13.31 21.76 -26.66
CA ASP B 93 12.15 20.90 -26.90
C ASP B 93 11.95 20.01 -25.67
N PHE B 94 10.86 20.23 -24.95
CA PHE B 94 10.62 19.45 -23.76
C PHE B 94 10.31 17.96 -23.96
N GLU B 95 9.92 17.59 -25.17
CA GLU B 95 9.64 16.18 -25.43
C GLU B 95 10.98 15.47 -25.53
N GLU B 96 12.00 16.19 -26.00
CA GLU B 96 13.33 15.60 -26.08
C GLU B 96 13.84 15.44 -24.65
N VAL B 97 13.48 16.36 -23.77
CA VAL B 97 13.89 16.29 -22.36
C VAL B 97 13.30 15.02 -21.74
N ARG B 98 12.00 14.80 -21.96
CA ARG B 98 11.31 13.63 -21.42
C ARG B 98 11.97 12.34 -21.93
N LEU B 99 12.29 12.31 -23.23
CA LEU B 99 12.92 11.16 -23.85
C LEU B 99 14.32 10.89 -23.31
N GLU B 100 15.05 11.95 -22.96
CA GLU B 100 16.39 11.82 -22.43
C GLU B 100 16.37 11.18 -21.03
N ILE B 101 15.41 11.61 -20.21
CA ILE B 101 15.25 11.05 -18.87
C ILE B 101 15.05 9.54 -19.01
N GLU B 102 14.18 9.14 -19.94
CA GLU B 102 13.89 7.72 -20.20
C GLU B 102 15.13 6.93 -20.63
N ALA B 103 15.84 7.46 -21.62
CA ALA B 103 17.04 6.82 -22.14
C ALA B 103 18.14 6.73 -21.08
N GLU B 104 18.35 7.82 -20.35
CA GLU B 104 19.36 7.87 -19.29
C GLU B 104 18.98 6.90 -18.18
N THR B 105 17.68 6.75 -17.94
CA THR B 105 17.19 5.81 -16.93
C THR B 105 17.55 4.39 -17.38
N ASP B 106 17.25 4.05 -18.64
CA ASP B 106 17.58 2.73 -19.16
C ASP B 106 19.09 2.50 -19.11
N ARG B 107 19.85 3.53 -19.43
CA ARG B 107 21.32 3.46 -19.47
C ARG B 107 21.92 2.96 -18.16
N VAL B 108 21.66 3.69 -17.08
CA VAL B 108 22.23 3.35 -15.79
C VAL B 108 21.58 2.21 -14.99
N THR B 109 20.25 2.05 -15.09
CA THR B 109 19.61 0.96 -14.36
C THR B 109 20.09 -0.36 -14.96
N GLY B 110 20.27 -0.34 -16.29
CA GLY B 110 20.73 -1.50 -17.01
C GLY B 110 19.73 -2.64 -16.99
N THR B 111 18.47 -2.35 -16.73
CA THR B 111 17.43 -3.37 -16.66
C THR B 111 16.11 -2.81 -17.19
N ASN B 112 15.12 -3.67 -17.36
CA ASN B 112 13.83 -3.21 -17.85
C ASN B 112 13.01 -2.55 -16.74
N LYS B 113 13.05 -3.11 -15.54
CA LYS B 113 12.24 -2.58 -14.43
C LYS B 113 12.96 -2.33 -13.11
N GLY B 114 14.26 -2.61 -13.06
CA GLY B 114 15.01 -2.38 -11.84
C GLY B 114 15.34 -0.91 -11.69
N ILE B 115 15.97 -0.55 -10.58
CA ILE B 115 16.32 0.85 -10.31
C ILE B 115 17.83 1.09 -10.18
N SER B 116 18.19 2.36 -9.98
CA SER B 116 19.57 2.76 -9.71
C SER B 116 19.53 4.02 -8.86
N PRO B 117 20.32 4.05 -7.77
CA PRO B 117 20.35 5.22 -6.90
C PRO B 117 21.19 6.38 -7.44
N VAL B 118 21.83 6.21 -8.61
CA VAL B 118 22.63 7.31 -9.20
C VAL B 118 21.63 8.36 -9.73
N PRO B 119 21.68 9.58 -9.21
CA PRO B 119 20.72 10.58 -9.70
C PRO B 119 20.98 11.17 -11.08
N ILE B 120 19.89 11.57 -11.71
CA ILE B 120 19.94 12.24 -12.99
C ILE B 120 19.83 13.71 -12.56
N ASN B 121 20.79 14.54 -12.98
CA ASN B 121 20.79 15.97 -12.62
C ASN B 121 20.30 16.76 -13.83
N LEU B 122 19.23 17.53 -13.62
CA LEU B 122 18.61 18.33 -14.65
C LEU B 122 18.31 19.73 -14.11
N ARG B 123 18.55 20.75 -14.93
CA ARG B 123 18.25 22.12 -14.53
C ARG B 123 17.34 22.70 -15.61
N VAL B 124 16.23 23.29 -15.17
CA VAL B 124 15.28 23.88 -16.09
C VAL B 124 15.14 25.36 -15.80
N TYR B 125 15.37 26.18 -16.84
CA TYR B 125 15.24 27.63 -16.77
C TYR B 125 13.88 27.93 -17.41
N SER B 126 13.09 28.76 -16.74
CA SER B 126 11.76 29.10 -17.21
C SER B 126 11.26 30.34 -16.52
N PRO B 127 10.48 31.17 -17.23
CA PRO B 127 9.93 32.39 -16.66
C PRO B 127 8.75 32.13 -15.72
N HIS B 128 8.28 30.88 -15.67
CA HIS B 128 7.13 30.54 -14.83
C HIS B 128 7.41 29.59 -13.68
N VAL B 129 8.67 29.37 -13.33
CA VAL B 129 8.99 28.47 -12.21
C VAL B 129 9.55 29.18 -10.99
N LEU B 130 9.42 28.54 -9.84
CA LEU B 130 9.97 29.06 -8.59
C LEU B 130 11.46 28.73 -8.63
N ASN B 131 12.21 29.21 -7.64
CA ASN B 131 13.63 28.94 -7.60
C ASN B 131 13.92 27.93 -6.50
N LEU B 132 13.91 26.65 -6.86
CA LEU B 132 14.18 25.59 -5.88
C LEU B 132 14.53 24.26 -6.54
N THR B 133 14.93 23.30 -5.72
CA THR B 133 15.30 21.99 -6.20
C THR B 133 14.31 20.93 -5.72
N LEU B 134 13.84 20.12 -6.66
CA LEU B 134 12.88 19.05 -6.37
C LEU B 134 13.57 17.72 -6.66
N VAL B 135 13.24 16.69 -5.89
CA VAL B 135 13.82 15.38 -6.13
C VAL B 135 12.68 14.39 -6.32
N ASP B 136 12.57 13.87 -7.55
CA ASP B 136 11.59 12.87 -7.89
C ASP B 136 12.27 11.55 -7.58
N LEU B 137 11.53 10.61 -7.00
CA LEU B 137 12.06 9.32 -6.59
C LEU B 137 11.09 8.18 -6.85
N PRO B 138 11.62 6.98 -7.16
CA PRO B 138 10.74 5.82 -7.42
C PRO B 138 9.92 5.56 -6.18
N GLY B 139 8.73 4.98 -6.37
CA GLY B 139 7.88 4.70 -5.23
C GLY B 139 8.22 3.36 -4.61
N MSE B 140 7.93 3.22 -3.32
CA MSE B 140 8.21 1.99 -2.60
C MSE B 140 7.31 0.87 -3.03
O MSE B 140 6.15 1.11 -3.38
CB MSE B 140 8.09 2.25 -1.09
CG MSE B 140 9.21 3.11 -0.55
SE MSE B 140 8.82 3.71 1.26
CE MSE B 140 7.90 5.34 0.79
N THR B 141 7.83 -0.34 -3.01
CA THR B 141 7.06 -1.53 -3.39
C THR B 141 7.25 -2.62 -2.36
N LYS B 142 6.56 -3.75 -2.57
CA LYS B 142 6.59 -4.90 -1.67
C LYS B 142 6.99 -6.21 -2.36
N VAL B 143 6.64 -6.37 -3.63
CA VAL B 143 6.99 -7.60 -4.35
C VAL B 143 7.61 -7.27 -5.70
N PRO B 144 8.67 -7.98 -6.09
CA PRO B 144 9.35 -7.75 -7.37
C PRO B 144 8.53 -8.24 -8.55
N VAL B 145 8.65 -7.55 -9.67
CA VAL B 145 7.99 -7.95 -10.90
C VAL B 145 9.06 -7.96 -11.99
N GLY B 146 8.81 -8.73 -13.05
CA GLY B 146 9.74 -8.79 -14.17
C GLY B 146 11.17 -9.14 -13.81
N ASP B 147 12.11 -8.34 -14.31
CA ASP B 147 13.51 -8.59 -14.02
C ASP B 147 14.05 -7.93 -12.74
N GLN B 148 13.15 -7.39 -11.92
CA GLN B 148 13.60 -6.73 -10.69
C GLN B 148 14.30 -7.66 -9.71
N PRO B 149 15.29 -7.15 -8.95
CA PRO B 149 16.01 -7.99 -7.96
C PRO B 149 15.01 -8.40 -6.86
N PRO B 150 15.25 -9.54 -6.21
CA PRO B 150 14.38 -10.04 -5.14
C PRO B 150 14.27 -9.07 -3.95
N ASP B 151 15.29 -8.24 -3.77
CA ASP B 151 15.30 -7.26 -2.68
C ASP B 151 14.97 -5.84 -3.13
N ILE B 152 14.27 -5.71 -4.26
CA ILE B 152 13.89 -4.41 -4.82
C ILE B 152 13.27 -3.48 -3.76
N GLU B 153 12.42 -4.01 -2.89
CA GLU B 153 11.81 -3.18 -1.86
C GLU B 153 12.85 -2.40 -1.02
N PHE B 154 13.90 -3.12 -0.61
CA PHE B 154 14.94 -2.53 0.20
C PHE B 154 15.88 -1.63 -0.58
N GLN B 155 16.12 -1.95 -1.86
CA GLN B 155 16.95 -1.11 -2.70
C GLN B 155 16.26 0.26 -2.90
N ILE B 156 14.94 0.23 -3.06
CA ILE B 156 14.19 1.48 -3.23
C ILE B 156 14.17 2.29 -1.94
N ARG B 157 13.92 1.64 -0.81
CA ARG B 157 13.90 2.34 0.47
C ARG B 157 15.28 3.00 0.74
N ASP B 158 16.35 2.25 0.49
CA ASP B 158 17.72 2.75 0.68
C ASP B 158 17.95 4.02 -0.15
N MSE B 159 17.49 3.98 -1.39
CA MSE B 159 17.63 5.10 -2.31
C MSE B 159 16.97 6.38 -1.77
O MSE B 159 17.54 7.48 -1.86
CB MSE B 159 17.05 4.70 -3.68
CG MSE B 159 16.92 5.80 -4.68
SE MSE B 159 16.46 5.10 -6.45
CE MSE B 159 15.09 3.80 -5.97
N LEU B 160 15.75 6.23 -1.23
CA LEU B 160 14.98 7.34 -0.65
C LEU B 160 15.72 7.91 0.55
N MSE B 161 16.20 7.00 1.38
CA MSE B 161 16.90 7.36 2.60
C MSE B 161 18.07 8.30 2.35
O MSE B 161 18.35 9.17 3.18
CB MSE B 161 17.36 6.09 3.32
CG MSE B 161 17.02 6.06 4.80
SE MSE B 161 15.12 6.24 5.21
CE MSE B 161 14.40 4.93 3.99
N GLN B 162 18.70 8.18 1.19
CA GLN B 162 19.83 9.02 0.83
C GLN B 162 19.46 10.51 0.80
N PHE B 163 18.20 10.80 0.54
CA PHE B 163 17.77 12.19 0.48
C PHE B 163 17.05 12.68 1.71
N VAL B 164 16.07 11.91 2.16
CA VAL B 164 15.24 12.30 3.28
C VAL B 164 15.87 12.34 4.67
N THR B 165 17.10 11.85 4.81
CA THR B 165 17.76 11.93 6.11
C THR B 165 18.49 13.28 6.21
N LYS B 166 18.59 13.98 5.08
CA LYS B 166 19.27 15.28 5.04
C LYS B 166 18.47 16.33 5.80
N GLU B 167 19.18 17.20 6.49
CA GLU B 167 18.53 18.21 7.29
C GLU B 167 17.76 19.29 6.53
N ASN B 168 18.16 19.58 5.30
CA ASN B 168 17.47 20.63 4.52
C ASN B 168 16.59 20.06 3.40
N CYS B 169 16.18 18.81 3.57
CA CYS B 169 15.34 18.17 2.59
C CYS B 169 13.92 18.12 3.13
N LEU B 170 13.04 18.92 2.53
CA LEU B 170 11.64 18.87 2.95
C LEU B 170 11.09 17.58 2.34
N ILE B 171 10.26 16.87 3.11
CA ILE B 171 9.67 15.60 2.69
C ILE B 171 8.21 15.76 2.30
N LEU B 172 7.92 15.51 1.02
CA LEU B 172 6.56 15.56 0.49
C LEU B 172 6.03 14.12 0.56
N ALA B 173 5.33 13.80 1.64
CA ALA B 173 4.79 12.47 1.84
C ALA B 173 3.49 12.34 1.04
N VAL B 174 3.60 11.67 -0.10
CA VAL B 174 2.46 11.50 -1.01
C VAL B 174 1.70 10.21 -0.75
N SER B 175 0.41 10.32 -0.48
CA SER B 175 -0.46 9.17 -0.19
C SER B 175 -1.71 9.25 -1.10
N PRO B 176 -2.08 8.15 -1.78
CA PRO B 176 -3.26 8.23 -2.64
C PRO B 176 -4.55 8.11 -1.80
N ALA B 177 -5.55 8.93 -2.10
CA ALA B 177 -6.80 8.93 -1.34
C ALA B 177 -7.61 7.63 -1.48
N ASN B 178 -7.35 6.88 -2.54
CA ASN B 178 -8.09 5.65 -2.79
C ASN B 178 -7.52 4.43 -2.07
N SER B 179 -6.75 4.69 -1.01
CA SER B 179 -6.22 3.65 -0.14
C SER B 179 -6.30 4.23 1.27
N ASP B 180 -6.66 3.42 2.27
CA ASP B 180 -6.75 3.94 3.64
C ASP B 180 -5.42 4.56 4.04
N LEU B 181 -5.46 5.70 4.71
CA LEU B 181 -4.24 6.37 5.14
C LEU B 181 -3.33 5.47 5.95
N ALA B 182 -3.92 4.59 6.76
CA ALA B 182 -3.16 3.64 7.58
C ALA B 182 -2.21 2.77 6.73
N ASN B 183 -2.49 2.66 5.44
CA ASN B 183 -1.68 1.88 4.52
C ASN B 183 -0.51 2.70 3.93
N SER B 184 -0.40 3.97 4.31
CA SER B 184 0.62 4.84 3.70
C SER B 184 2.13 4.59 3.91
N ASP B 185 2.79 4.13 2.85
CA ASP B 185 4.25 3.92 2.90
C ASP B 185 4.91 5.29 3.16
N ALA B 186 4.33 6.33 2.60
CA ALA B 186 4.89 7.68 2.75
C ALA B 186 4.99 8.14 4.20
N LEU B 187 3.90 8.00 4.92
CA LEU B 187 3.89 8.45 6.31
C LEU B 187 4.74 7.54 7.18
N LYS B 188 4.81 6.25 6.85
CA LYS B 188 5.64 5.36 7.64
C LYS B 188 7.10 5.78 7.53
N VAL B 189 7.57 6.10 6.34
CA VAL B 189 8.97 6.51 6.21
C VAL B 189 9.24 7.88 6.80
N ALA B 190 8.29 8.81 6.59
CA ALA B 190 8.44 10.15 7.12
C ALA B 190 8.57 10.11 8.64
N LYS B 191 7.70 9.35 9.28
CA LYS B 191 7.76 9.23 10.74
C LYS B 191 9.11 8.68 11.19
N GLU B 192 9.67 7.74 10.42
CA GLU B 192 10.97 7.14 10.77
C GLU B 192 12.16 8.10 10.69
N VAL B 193 12.20 8.94 9.65
CA VAL B 193 13.31 9.87 9.49
C VAL B 193 13.04 11.26 10.06
N ASP B 194 11.78 11.56 10.32
CA ASP B 194 11.39 12.87 10.85
C ASP B 194 10.24 12.73 11.84
N PRO B 195 10.50 12.11 13.01
CA PRO B 195 9.49 11.90 14.06
C PRO B 195 8.65 13.12 14.47
N GLN B 196 9.29 14.28 14.58
CA GLN B 196 8.62 15.51 14.98
C GLN B 196 7.84 16.22 13.87
N GLY B 197 7.98 15.75 12.63
CA GLY B 197 7.27 16.39 11.55
C GLY B 197 7.71 17.81 11.23
N GLN B 198 8.94 18.16 11.59
CA GLN B 198 9.45 19.50 11.32
C GLN B 198 9.62 19.72 9.83
N ARG B 199 9.73 18.66 9.05
CA ARG B 199 9.91 18.83 7.63
C ARG B 199 9.10 17.92 6.71
N THR B 200 7.99 17.42 7.24
CA THR B 200 7.13 16.51 6.49
C THR B 200 5.84 17.26 6.14
N ILE B 201 5.48 17.25 4.86
CA ILE B 201 4.25 17.90 4.42
C ILE B 201 3.44 16.82 3.74
N GLY B 202 2.19 16.66 4.17
CA GLY B 202 1.37 15.62 3.58
C GLY B 202 0.61 16.05 2.34
N VAL B 203 0.64 15.18 1.33
CA VAL B 203 -0.09 15.45 0.10
C VAL B 203 -1.01 14.24 -0.17
N ILE B 204 -2.27 14.52 -0.45
CA ILE B 204 -3.23 13.45 -0.73
C ILE B 204 -3.64 13.59 -2.20
N THR B 205 -3.28 12.60 -3.01
CA THR B 205 -3.61 12.62 -4.43
C THR B 205 -4.82 11.74 -4.73
N LYS B 206 -5.21 11.70 -6.01
CA LYS B 206 -6.29 10.83 -6.45
C LYS B 206 -7.60 10.95 -5.68
N LEU B 207 -7.92 12.16 -5.23
CA LEU B 207 -9.16 12.37 -4.49
C LEU B 207 -10.37 12.07 -5.36
N ASP B 208 -10.19 12.27 -6.66
CA ASP B 208 -11.24 12.00 -7.65
C ASP B 208 -11.50 10.49 -7.85
N LEU B 209 -10.64 9.64 -7.31
CA LEU B 209 -10.81 8.20 -7.48
C LEU B 209 -11.42 7.45 -6.28
N MSE B 210 -11.84 8.16 -5.23
CA MSE B 210 -12.39 7.46 -4.09
C MSE B 210 -13.72 6.79 -4.39
O MSE B 210 -14.50 7.27 -5.20
CB MSE B 210 -12.55 8.39 -2.88
CG MSE B 210 -11.23 8.97 -2.38
SE MSE B 210 -11.42 9.84 -0.64
CE MSE B 210 -11.44 8.27 0.49
N ASP B 211 -13.95 5.67 -3.74
CA ASP B 211 -15.17 4.89 -3.89
C ASP B 211 -16.38 5.77 -3.51
N GLU B 212 -17.47 5.66 -4.27
CA GLU B 212 -18.66 6.47 -3.96
C GLU B 212 -19.08 6.09 -2.55
N GLY B 213 -19.47 7.08 -1.77
CA GLY B 213 -19.87 6.80 -0.41
C GLY B 213 -18.77 7.05 0.60
N THR B 214 -17.57 7.42 0.15
CA THR B 214 -16.44 7.66 1.05
C THR B 214 -15.78 9.00 0.71
N ASP B 215 -14.99 9.51 1.65
CA ASP B 215 -14.26 10.77 1.49
C ASP B 215 -13.06 10.76 2.44
N ALA B 216 -12.17 11.72 2.28
CA ALA B 216 -10.97 11.81 3.11
C ALA B 216 -11.00 13.08 4.00
N ARG B 217 -12.19 13.46 4.42
CA ARG B 217 -12.34 14.66 5.25
C ARG B 217 -11.49 14.63 6.51
N ASP B 218 -11.53 13.54 7.25
CA ASP B 218 -10.74 13.44 8.48
C ASP B 218 -9.24 13.56 8.24
N VAL B 219 -8.77 13.09 7.09
CA VAL B 219 -7.35 13.20 6.75
C VAL B 219 -7.03 14.65 6.41
N LEU B 220 -7.85 15.26 5.54
CA LEU B 220 -7.61 16.62 5.12
C LEU B 220 -7.81 17.69 6.20
N GLU B 221 -8.62 17.38 7.21
CA GLU B 221 -8.82 18.30 8.31
C GLU B 221 -7.71 18.09 9.36
N ASN B 222 -6.75 17.21 9.06
CA ASN B 222 -5.62 16.93 9.95
C ASN B 222 -6.02 16.28 11.27
N LYS B 223 -7.03 15.40 11.22
CA LYS B 223 -7.52 14.75 12.42
C LYS B 223 -7.21 13.25 12.57
N LEU B 224 -7.14 12.53 11.46
CA LEU B 224 -6.87 11.09 11.54
C LEU B 224 -5.43 10.79 11.97
N LEU B 225 -4.48 11.46 11.33
CA LEU B 225 -3.06 11.30 11.63
C LEU B 225 -2.50 12.72 11.44
N PRO B 226 -2.56 13.55 12.48
CA PRO B 226 -2.08 14.94 12.43
C PRO B 226 -0.61 15.13 12.10
N LEU B 227 -0.35 16.13 11.27
CA LEU B 227 0.99 16.53 10.89
C LEU B 227 1.04 18.03 11.17
N ARG B 228 2.15 18.49 11.74
CA ARG B 228 2.34 19.90 12.03
C ARG B 228 2.07 20.74 10.80
N ARG B 229 2.59 20.25 9.68
CA ARG B 229 2.49 20.95 8.42
C ARG B 229 1.19 20.76 7.68
N GLY B 230 0.36 19.84 8.18
CA GLY B 230 -0.94 19.56 7.57
C GLY B 230 -0.91 18.72 6.31
N TYR B 231 -2.08 18.57 5.70
CA TYR B 231 -2.26 17.82 4.46
C TYR B 231 -2.92 18.72 3.43
N ILE B 232 -2.49 18.57 2.17
CA ILE B 232 -3.06 19.31 1.07
C ILE B 232 -3.50 18.32 0.04
N GLY B 233 -4.77 18.43 -0.36
CA GLY B 233 -5.29 17.52 -1.38
C GLY B 233 -5.14 18.06 -2.79
N VAL B 234 -4.83 17.17 -3.73
CA VAL B 234 -4.69 17.57 -5.13
C VAL B 234 -5.43 16.58 -6.01
N VAL B 235 -5.71 16.98 -7.25
CA VAL B 235 -6.37 16.12 -8.21
C VAL B 235 -5.62 16.28 -9.53
N ASN B 236 -4.78 15.32 -9.82
CA ASN B 236 -4.01 15.36 -11.03
C ASN B 236 -4.61 14.57 -12.15
N ARG B 237 -4.00 14.72 -13.33
CA ARG B 237 -4.50 14.05 -14.54
C ARG B 237 -4.45 12.53 -14.47
N SER B 238 -5.52 11.92 -14.97
CA SER B 238 -5.66 10.47 -15.02
C SER B 238 -4.78 9.96 -16.17
N GLN B 239 -4.63 8.64 -16.31
CA GLN B 239 -3.85 8.09 -17.41
C GLN B 239 -4.54 8.45 -18.74
N LYS B 240 -5.86 8.37 -18.80
CA LYS B 240 -6.60 8.75 -20.01
C LYS B 240 -6.21 10.19 -20.38
N ASP B 241 -6.26 11.11 -19.40
CA ASP B 241 -5.90 12.50 -19.62
C ASP B 241 -4.46 12.65 -20.13
N ILE B 242 -3.53 11.91 -19.52
CA ILE B 242 -2.14 11.96 -19.94
C ILE B 242 -2.04 11.55 -21.41
N ASP B 243 -2.64 10.42 -21.75
CA ASP B 243 -2.61 9.93 -23.12
C ASP B 243 -3.24 10.90 -24.10
N GLY B 244 -4.16 11.72 -23.62
CA GLY B 244 -4.83 12.69 -24.47
C GLY B 244 -4.14 14.05 -24.41
N LYS B 245 -3.01 14.12 -23.72
CA LYS B 245 -2.24 15.35 -23.57
C LYS B 245 -3.02 16.52 -22.98
N LYS B 246 -3.88 16.25 -22.01
CA LYS B 246 -4.66 17.31 -21.37
C LYS B 246 -3.64 18.28 -20.81
N ASP B 247 -3.85 19.56 -21.04
CA ASP B 247 -2.90 20.57 -20.57
C ASP B 247 -3.06 20.84 -19.07
N ILE B 248 -2.09 21.53 -18.50
CA ILE B 248 -2.11 21.83 -17.08
C ILE B 248 -3.25 22.80 -16.73
N THR B 249 -3.53 23.75 -17.64
CA THR B 249 -4.58 24.72 -17.41
C THR B 249 -5.92 24.01 -17.23
N ALA B 250 -6.21 23.03 -18.07
CA ALA B 250 -7.47 22.29 -17.94
C ALA B 250 -7.48 21.46 -16.66
N ALA B 251 -6.36 20.82 -16.36
CA ALA B 251 -6.29 19.99 -15.15
C ALA B 251 -6.55 20.83 -13.88
N LEU B 252 -5.92 22.01 -13.80
CA LEU B 252 -6.09 22.91 -12.65
C LEU B 252 -7.55 23.35 -12.49
N ALA B 253 -8.21 23.67 -13.60
CA ALA B 253 -9.61 24.10 -13.51
C ALA B 253 -10.51 22.95 -12.99
N ALA B 254 -10.30 21.75 -13.52
CA ALA B 254 -11.08 20.58 -13.07
C ALA B 254 -10.79 20.36 -11.55
N GLU B 255 -9.54 20.57 -11.15
CA GLU B 255 -9.18 20.38 -9.74
C GLU B 255 -9.95 21.38 -8.88
N ARG B 256 -9.97 22.63 -9.33
CA ARG B 256 -10.64 23.68 -8.62
C ARG B 256 -12.14 23.38 -8.48
N LYS B 257 -12.74 22.90 -9.56
CA LYS B 257 -14.16 22.56 -9.58
C LYS B 257 -14.47 21.39 -8.62
N PHE B 258 -13.58 20.40 -8.61
CA PHE B 258 -13.75 19.24 -7.75
C PHE B 258 -13.91 19.62 -6.27
N PHE B 259 -12.99 20.42 -5.76
CA PHE B 259 -13.04 20.83 -4.36
C PHE B 259 -14.23 21.74 -4.06
N LEU B 260 -14.52 22.68 -4.95
CA LEU B 260 -15.68 23.56 -4.76
C LEU B 260 -17.00 22.82 -4.75
N SER B 261 -17.08 21.73 -5.52
CA SER B 261 -18.33 20.99 -5.57
C SER B 261 -18.50 19.80 -4.62
N HIS B 262 -17.40 19.34 -4.00
CA HIS B 262 -17.47 18.20 -3.09
C HIS B 262 -17.99 18.65 -1.73
N PRO B 263 -19.11 18.06 -1.28
CA PRO B 263 -19.70 18.44 0.02
C PRO B 263 -18.83 18.18 1.23
N SER B 264 -17.86 17.29 1.11
CA SER B 264 -17.00 16.99 2.25
C SER B 264 -15.77 17.86 2.32
N TYR B 265 -15.45 18.55 1.22
CA TYR B 265 -14.24 19.38 1.14
C TYR B 265 -14.43 20.86 0.79
N ARG B 266 -15.62 21.25 0.33
CA ARG B 266 -15.84 22.64 -0.10
C ARG B 266 -15.45 23.71 0.91
N HIS B 267 -15.61 23.42 2.19
CA HIS B 267 -15.27 24.35 3.25
C HIS B 267 -13.76 24.46 3.44
N LEU B 268 -13.02 23.56 2.81
CA LEU B 268 -11.57 23.55 2.91
C LEU B 268 -10.93 24.01 1.59
N ALA B 269 -11.75 24.34 0.60
CA ALA B 269 -11.28 24.72 -0.74
C ALA B 269 -10.14 25.72 -0.83
N ASP B 270 -10.13 26.73 0.04
CA ASP B 270 -9.06 27.73 0.05
C ASP B 270 -7.69 27.17 0.48
N ARG B 271 -7.66 25.94 0.99
CA ARG B 271 -6.40 25.34 1.40
C ARG B 271 -6.20 23.98 0.73
N MSE B 272 -6.74 23.86 -0.47
CA MSE B 272 -6.63 22.65 -1.27
C MSE B 272 -6.20 23.02 -2.67
O MSE B 272 -6.43 24.13 -3.14
CB MSE B 272 -8.00 21.98 -1.38
CG MSE B 272 -8.60 21.48 -0.07
SE MSE B 272 -7.75 19.84 0.53
CE MSE B 272 -7.16 20.37 2.32
N GLY B 273 -5.63 22.05 -3.37
CA GLY B 273 -5.25 22.29 -4.74
C GLY B 273 -3.77 22.48 -4.98
N THR B 274 -3.40 22.32 -6.24
CA THR B 274 -2.04 22.42 -6.70
C THR B 274 -1.41 23.82 -6.51
N PRO B 275 -2.10 24.90 -6.93
CA PRO B 275 -1.52 26.24 -6.76
C PRO B 275 -1.23 26.51 -5.27
N TYR B 276 -2.18 26.12 -4.42
CA TYR B 276 -2.01 26.31 -2.98
C TYR B 276 -0.83 25.49 -2.48
N LEU B 277 -0.70 24.24 -2.95
CA LEU B 277 0.42 23.34 -2.54
C LEU B 277 1.78 23.95 -2.86
N GLN B 278 1.91 24.49 -4.06
CA GLN B 278 3.19 25.07 -4.47
C GLN B 278 3.53 26.33 -3.69
N LYS B 279 2.52 27.13 -3.35
CA LYS B 279 2.72 28.33 -2.54
C LYS B 279 3.22 27.90 -1.16
N VAL B 280 2.54 26.92 -0.57
CA VAL B 280 2.91 26.42 0.76
C VAL B 280 4.29 25.79 0.76
N LEU B 281 4.61 25.01 -0.27
CA LEU B 281 5.93 24.35 -0.34
C LEU B 281 7.04 25.39 -0.39
N ASN B 282 6.85 26.38 -1.25
CA ASN B 282 7.83 27.44 -1.42
C ASN B 282 8.01 28.17 -0.07
N GLN B 283 6.91 28.53 0.57
CA GLN B 283 6.98 29.25 1.84
C GLN B 283 7.66 28.43 2.94
N GLN B 284 7.32 27.14 3.02
CA GLN B 284 7.90 26.26 4.01
C GLN B 284 9.39 26.07 3.79
N LEU B 285 9.80 25.96 2.53
CA LEU B 285 11.22 25.78 2.23
C LEU B 285 11.97 27.07 2.57
N THR B 286 11.34 28.21 2.24
CA THR B 286 11.93 29.50 2.53
C THR B 286 12.07 29.66 4.05
N ASN B 287 11.03 29.34 4.81
CA ASN B 287 11.08 29.45 6.27
C ASN B 287 12.12 28.51 6.86
N HIS B 288 12.09 27.26 6.41
CA HIS B 288 13.04 26.25 6.86
C HIS B 288 14.49 26.71 6.70
N ILE B 289 14.86 27.15 5.50
CA ILE B 289 16.24 27.58 5.29
C ILE B 289 16.59 28.92 5.95
N ARG B 290 15.63 29.84 5.99
CA ARG B 290 15.85 31.13 6.63
C ARG B 290 16.24 30.93 8.08
N ASP B 291 15.60 29.96 8.73
CA ASP B 291 15.88 29.69 10.13
C ASP B 291 17.15 28.89 10.37
N THR B 292 17.60 28.13 9.37
CA THR B 292 18.82 27.33 9.53
C THR B 292 20.00 27.83 8.68
N LEU B 293 19.95 29.10 8.28
CA LEU B 293 20.99 29.72 7.47
C LEU B 293 22.40 29.63 8.09
N PRO B 294 22.53 29.94 9.38
CA PRO B 294 23.87 29.84 9.98
C PRO B 294 24.38 28.40 9.90
N GLY B 295 23.44 27.45 9.91
CA GLY B 295 23.81 26.05 9.81
C GLY B 295 24.36 25.71 8.45
N LEU B 296 23.75 26.29 7.40
CA LEU B 296 24.21 26.06 6.04
C LEU B 296 25.61 26.69 5.90
N ARG B 297 25.75 27.91 6.40
CA ARG B 297 27.03 28.62 6.33
C ARG B 297 28.15 27.77 6.91
N ASN B 298 27.93 27.19 8.07
CA ASN B 298 28.95 26.36 8.70
C ASN B 298 29.27 25.13 7.88
N LYS B 299 28.25 24.51 7.29
CA LYS B 299 28.44 23.32 6.46
C LYS B 299 29.36 23.65 5.28
N LEU B 300 29.19 24.84 4.73
CA LEU B 300 29.99 25.30 3.61
C LEU B 300 31.39 25.64 4.12
N GLN B 301 31.44 26.41 5.19
CA GLN B 301 32.69 26.83 5.80
C GLN B 301 33.60 25.66 6.17
N SER B 302 33.01 24.57 6.65
CA SER B 302 33.79 23.40 7.03
C SER B 302 34.40 22.73 5.79
N GLN B 303 33.68 22.79 4.68
CA GLN B 303 34.21 22.22 3.44
C GLN B 303 35.25 23.17 2.86
N LEU B 304 35.10 24.48 3.10
CA LEU B 304 36.06 25.45 2.61
C LEU B 304 37.38 25.28 3.36
N LEU B 305 37.33 25.38 4.68
CA LEU B 305 38.53 25.24 5.52
C LEU B 305 39.26 23.95 5.20
N SER B 306 38.49 22.88 4.99
CA SER B 306 39.03 21.57 4.66
C SER B 306 39.82 21.64 3.36
N ILE B 307 39.14 22.07 2.29
CA ILE B 307 39.76 22.16 0.97
C ILE B 307 40.88 23.19 0.88
N GLU B 308 40.79 24.26 1.67
CA GLU B 308 41.81 25.31 1.69
C GLU B 308 43.18 24.71 1.93
N LYS B 309 43.30 23.92 3.00
CA LYS B 309 44.57 23.30 3.36
C LYS B 309 45.16 22.51 2.21
N GLU B 310 44.30 21.76 1.52
CA GLU B 310 44.75 20.95 0.40
C GLU B 310 45.11 21.80 -0.82
N VAL B 311 44.32 22.82 -1.09
CA VAL B 311 44.58 23.67 -2.23
C VAL B 311 45.73 24.66 -2.01
N GLU B 312 46.03 24.92 -0.74
CA GLU B 312 47.10 25.82 -0.34
C GLU B 312 48.44 25.36 -0.91
N GLU B 313 48.68 24.06 -0.91
CA GLU B 313 49.93 23.52 -1.43
C GLU B 313 49.91 23.28 -2.94
N TYR B 314 48.84 23.68 -3.62
CA TYR B 314 48.76 23.51 -5.06
C TYR B 314 49.64 24.56 -5.71
N LYS B 315 50.58 24.12 -6.55
CA LYS B 315 51.46 25.05 -7.23
C LYS B 315 52.13 24.41 -8.44
N ASN B 316 51.45 23.42 -9.02
CA ASN B 316 51.98 22.72 -10.19
C ASN B 316 50.87 22.40 -11.16
N PHE B 317 51.11 22.66 -12.44
CA PHE B 317 50.15 22.42 -13.51
C PHE B 317 48.81 23.06 -13.17
N SER B 326 40.95 15.89 -14.70
CA SER B 326 41.07 17.29 -14.32
C SER B 326 40.83 17.44 -12.82
N ARG B 327 41.12 16.39 -12.06
CA ARG B 327 40.89 16.40 -10.61
C ARG B 327 41.31 17.70 -9.93
N VAL B 328 42.47 18.23 -10.31
CA VAL B 328 42.95 19.49 -9.74
C VAL B 328 41.97 20.62 -10.08
N ASP B 329 41.59 20.71 -11.35
CA ASP B 329 40.66 21.73 -11.81
C ASP B 329 39.33 21.61 -11.07
N GLU B 330 38.86 20.39 -10.88
CA GLU B 330 37.61 20.15 -10.17
C GLU B 330 37.72 20.65 -8.73
N MSE B 331 38.84 20.34 -8.09
CA MSE B 331 39.08 20.75 -6.71
C MSE B 331 39.10 22.28 -6.58
O MSE B 331 38.57 22.85 -5.64
CB MSE B 331 40.40 20.16 -6.23
CG MSE B 331 40.53 20.00 -4.73
SE MSE B 331 39.50 18.65 -4.11
CE MSE B 331 38.14 19.56 -3.39
N LEU B 332 39.75 22.94 -7.55
CA LEU B 332 39.83 24.40 -7.53
C LEU B 332 38.43 25.00 -7.68
N ARG B 333 37.65 24.46 -8.60
CA ARG B 333 36.29 24.94 -8.83
C ARG B 333 35.45 24.85 -7.56
N MSE B 334 35.66 23.77 -6.80
CA MSE B 334 34.93 23.61 -5.55
C MSE B 334 35.37 24.66 -4.54
O MSE B 334 34.55 25.20 -3.79
CB MSE B 334 35.13 22.19 -4.96
CG MSE B 334 34.36 21.10 -5.70
SE MSE B 334 34.54 19.43 -4.96
CE MSE B 334 35.69 18.72 -6.09
N TYR B 335 36.68 24.93 -4.52
CA TYR B 335 37.26 25.94 -3.62
C TYR B 335 36.65 27.30 -3.93
N HIS B 336 36.73 27.70 -5.19
CA HIS B 336 36.18 29.00 -5.59
C HIS B 336 34.69 29.11 -5.32
N ALA B 337 33.93 28.06 -5.66
CA ALA B 337 32.48 28.01 -5.45
C ALA B 337 32.14 28.16 -3.99
N LEU B 338 32.89 27.45 -3.15
CA LEU B 338 32.67 27.48 -1.71
C LEU B 338 33.05 28.82 -1.16
N LYS B 339 34.13 29.40 -1.68
CA LYS B 339 34.60 30.69 -1.22
C LYS B 339 33.60 31.78 -1.62
N GLU B 340 33.05 31.66 -2.82
CA GLU B 340 32.07 32.65 -3.29
C GLU B 340 30.76 32.50 -2.52
N ALA B 341 30.31 31.26 -2.35
CA ALA B 341 29.07 30.99 -1.62
C ALA B 341 29.14 31.59 -0.22
N LEU B 342 30.29 31.41 0.42
CA LEU B 342 30.50 31.91 1.78
C LEU B 342 30.31 33.43 1.88
N SER B 343 30.82 34.15 0.89
CA SER B 343 30.71 35.61 0.85
C SER B 343 29.23 35.98 0.65
N ILE B 344 28.59 35.33 -0.30
CA ILE B 344 27.19 35.58 -0.60
C ILE B 344 26.27 35.36 0.61
N ILE B 345 26.37 34.17 1.21
CA ILE B 345 25.55 33.85 2.35
C ILE B 345 25.85 34.83 3.50
N GLY B 346 27.11 35.19 3.66
CA GLY B 346 27.49 36.13 4.71
C GLY B 346 26.79 37.47 4.61
N ASN B 347 26.40 37.86 3.41
CA ASN B 347 25.71 39.14 3.20
C ASN B 347 24.22 39.03 3.44
N ILE B 348 23.67 37.83 3.35
CA ILE B 348 22.25 37.63 3.58
C ILE B 348 21.95 37.65 5.07
PB GDP C . -11.74 -5.40 4.45
O1B GDP C . -12.45 -6.58 4.97
O2B GDP C . -10.44 -5.61 3.76
O3B GDP C . -11.34 -4.33 5.44
O3A GDP C . -12.58 -4.76 3.26
PA GDP C . -14.15 -4.52 3.41
O1A GDP C . -14.73 -5.74 2.79
O2A GDP C . -14.65 -4.07 4.75
O5' GDP C . -14.47 -3.36 2.38
C5' GDP C . -13.74 -2.15 2.43
C4' GDP C . -14.46 -1.07 1.67
O4' GDP C . -14.26 -1.24 0.24
C3' GDP C . -15.96 -0.98 1.90
O3' GDP C . -16.31 0.40 1.95
C2' GDP C . -16.56 -1.67 0.67
O2' GDP C . -17.81 -1.09 0.30
C1' GDP C . -15.52 -1.33 -0.41
N9 GDP C . -15.40 -2.36 -1.44
C8 GDP C . -15.05 -3.70 -1.26
N7 GDP C . -14.93 -4.35 -2.39
C5 GDP C . -15.23 -3.40 -3.37
C6 GDP C . -15.26 -3.51 -4.79
O6 GDP C . -14.98 -4.48 -5.49
N1 GDP C . -15.66 -2.32 -5.38
C2 GDP C . -15.97 -1.15 -4.71
N2 GDP C . -16.36 -0.10 -5.46
N3 GDP C . -15.92 -1.03 -3.41
C4 GDP C . -15.56 -2.19 -2.80
AL ALF D . -10.41 -4.37 7.20
F1 ALF D . -11.82 -3.55 7.97
F2 ALF D . -8.93 -5.09 6.47
F3 ALF D . -9.78 -2.75 6.90
F4 ALF D . -11.18 -5.95 7.47
MG MG E . -12.73 -7.00 7.00
NA NA F . -11.91 -1.45 6.35
PB GDP G . 4.56 8.06 -9.46
O1B GDP G . 5.48 9.12 -9.87
O2B GDP G . 4.29 7.86 -8.02
O3B GDP G . 4.89 6.65 -9.89
O3A GDP G . 3.06 8.43 -9.90
PA GDP G . 2.81 8.97 -11.40
O1A GDP G . 2.91 10.43 -11.26
O2A GDP G . 3.63 8.29 -12.41
O5' GDP G . 1.29 8.65 -11.68
C5' GDP G . 0.80 7.32 -11.46
C4' GDP G . -0.49 7.10 -12.20
O4' GDP G . -1.60 7.66 -11.45
C3' GDP G . -0.56 7.69 -13.59
O3' GDP G . -1.28 6.80 -14.42
C2' GDP G . -1.33 9.00 -13.38
O2' GDP G . -2.09 9.33 -14.51
C1' GDP G . -2.27 8.62 -12.22
N9 GDP G . -2.60 9.73 -11.34
C8 GDP G . -1.71 10.50 -10.63
N7 GDP G . -2.28 11.38 -9.86
C5 GDP G . -3.65 11.22 -10.11
C6 GDP G . -4.77 11.90 -9.60
O6 GDP G . -4.80 12.81 -8.78
N1 GDP G . -5.97 11.43 -10.14
C2 GDP G . -6.07 10.43 -11.07
N2 GDP G . -7.31 10.18 -11.53
N3 GDP G . -5.03 9.76 -11.54
C4 GDP G . -3.85 10.20 -11.03
AL ALF H . 6.56 5.54 -9.78
F1 ALF H . 6.58 5.28 -11.54
F2 ALF H . 6.56 5.67 -7.99
F3 ALF H . 5.62 4.04 -9.64
F4 ALF H . 7.50 7.04 -9.98
MG MG I . 7.32 8.93 -10.64
NA NA J . 4.08 4.51 -11.76
#